data_9DOU
#
_entry.id   9DOU
#
_cell.length_a   1.00
_cell.length_b   1.00
_cell.length_c   1.00
_cell.angle_alpha   90.00
_cell.angle_beta   90.00
_cell.angle_gamma   90.00
#
_symmetry.space_group_name_H-M   'P 1'
#
loop_
_entity.id
_entity.type
_entity.pdbx_description
1 polymer 'R2Tg retrotransposon ORF'
2 polymer "28S DNA bottom strand, 3' side"
3 polymer "28S DNA bottom strand, 5' side (priming strand)"
4 polymer "R2Tg 3'UTR RNA"
5 polymer '28S DNA top strand'
6 non-polymer 'MAGNESIUM ION'
7 non-polymer "THYMIDINE-5'-TRIPHOSPHATE"
8 non-polymer 'ZINC ION'
#
loop_
_entity_poly.entity_id
_entity_poly.type
_entity_poly.pdbx_seq_one_letter_code
_entity_poly.pdbx_strand_id
1 'polypeptide(L)'
;MASCPKPGPPVSAGAMSLESGLTTHSVLAIERGPNSLANSGSDFGGGGLGLPLRLLRVSVGTQTSRSDWVDLVSWSHPGP
TSKSQQVDLVSLFPKHRVDLLSKNDQVDLVAQFLPSKFPPNLAENDLALLVNLEFYRSDLHVYECVHFAAHWEGLSGLPE
VYEQLAPQPCVGETLHSSLPRDSELFVPEEGSSEKESEDAPKTSPPTPGKHGLEQTGEEKVMVTVPDKNPPCPCCGTRVN
SVLNLIEHLKVSHGKRGVCFRCAKCGKENSNYHSVVCHFPKCRGPETEKAPAGEWICEVCNRDFTTKIGLGQHKRLAHPA
VRNQERIVASQPKETSNRGAHKRCWTKEEEELLIRLEAQFEGNKNINKLIAEHITTKTAKQISDKRRLLSRKPAEEPREE
PGTCHHTRRAAASLRTEPEMSHHAQAEDRDNGPGRRPLPGRAAAGGRTMDEIRRHPDKGNGQQRPTKQKSEEQLQAYYKK
TLEERLSAGALNTFPRAFKQVMEGRDIKLVINQTAQDCFGCLESISQIRTATRDKKDTVTREKHPKKPFQKWMKDRAIKK
GNYLRFQRLFYLDRGKLAKIILDDIECLSCDIPLSEIYSVFKTRWETTGSFKSLGDFKTYGKADNTAFRELITAKEIEKN
VQEMSKGSAPGPDGITLGDVVKMDPEFSRTMEIFNLWLTTGKIPDMVRGCRTVLIPKSSKPDRLKDINNWRPITIGSILL
RLFSRIVTARLSKACPLNPRQRGFIRAAGCSENLKLLQTIIWSAKREHRPLGVVFVDIAKAFDTVSHQHIIHALQQREVD
PHIVGLVSNMYENISTYITTKRNTHTDKIQIRVGVKQGDPMSPLLFNLAMDPLLCKLEESGKGYHRGQSSITAMAFADDL
VLLSDSWENMNTNISILETFCNLTGLKTQGQKCHGFYIKPTKDSYTINDCAAWTINGTPLNMIDPGESEKYLGLQFDPWI
GIARSGLSTKLDFWLQRIDQAPLKPLQKTDILKTYTIPRLIYIADHSEVKTALLETLDQKIRTAVKEWLHLPPCTCDAIL
YSSTRDGGLGITKLAGLIPSVQARRLHRIAQSSDDTMKCFMEKEKMEQLHKKLWIQAGGDRENIPSIWEAPPSSEPPNNV
STNSEWEAPTQKDKFPKPCNWRKNEFKKWTKLASQGRGIVNFERDKISNHWIQYYRRIPHRKLLTALQLRANVYPTREFL
ARGRQDQYIKACRHCDADIESCAHIIGNCPVTQDARIKRHNYICELLLEEAKKKDWVVFKEPHIRDSNKELYKPDLIFVK
DARALVVDVTVRYEAAKSSLEEAAAEKVRKYKHLETEVRHLTNAKDVTFVGFPLGARGKWHQDNFKLLTELGLSKSRQVK
MAETFSTVALFSSVDIVHMFASRARKSMVM
;
A
2 'polydeoxyribonucleotide'
;(DT)(DT)(DC)(DC)(DC)(DT)(DT)(DG)(DG)(DC)(DT)(DG)(DT)(DG)(DG)(DT)(DT)(DT)(DC)(DG)
(DC)(DT)(DA)(DG)(DA)(DT)(DA)(DG)(DT)(DA)(DG)(DA)(DT)(DA)(DG)(DG)(DG)(DA)(DC)(DA)
(DG)(DT)(DG)(DG)(DG)(DA)(DA)(DT)(DC)(DT)(DC)(DG)(DT)(DT)(DA)(DA)(DT)(DC)(DC)(DA)
(DT)(DT)(DC)(DA)(DT)(DG)(DC)(DG)(DC)(DG)(DT)(DC)(DA)(DC)(DT)(DA)(DA)(DT)(DT)(DA)
(DG)(DA)(DT)(DG)(DA)(DC)(DG)(DA)(DG)(DG)(DC)(DA)(DT)(DT)(DT)(DG)(DG)(DC)(DT)(DA)
(DC)(DC)(DT)(DT)(DA)(DA)(DG)(DA)(DG)(DA)(DG)(DT)(DC)(DA)(DT)(DA)(DG)(DT)(DT)(DA)
(DC)(DT)(DC)(DC)(DC)(DG)(DC)(DC)(DG)(DT)(DT)(DT)(DA)(DC)(DC)(DC)(DG)(DC)(DG)(DC)
(DT)(DT)(DC)(DA)(DT)(DT)(DG)(DA)(DA)(DT)(DT)(DT)(DC)(DT)(DT)(DC)(DA)(DC)(DT)(DT)
(DT)(DG)(DA)(DC)(DA)(DT)(DT)(DC)(DA)(DG)(DA)(DG)(DC)(DA)(DC)(DT)(DG)(DG)(DG)(DC)
(DA)(DG)(DA)(DA)(DA)(DT)(DC)(DA)(DC)(DA)(DT)(DC)(DG)(DC)(DG)(DT)(DC)(DA)(DA)(DC)
(DC)(DA)(DG)(DC)(DT)(DG)(DA)(DA)(DA)(DA)(DA)
;
B
3 'polydeoxyribonucleotide' (DG)(DG)(DC)(DA)(DT)(DT)(DT)(DG)(DG)(DC)(DT)(DA)(DT) P
4 'polyribonucleotide'
;UUCAGGUUAUUUAGAUGCUUAGUUUUUGUACCUUUCUUGUUUUGUUUAGGAUUUUGAUAGUGUUAGUAUUUUUAUAUUUU
UGUACGAUUGCAUAAUGUUCUUUUUUAUACAGUUCUGUUUUAAUAAAAUAGACGAUAGCUAGAGACGUUAGGGCAGCCAC
AAGCCAGUUAGGUAGCGGAUAGUAGGUAGGAACAGACUUUUACUAUUUCAUAACGCGUCAAUUACCACCUGAUUUGGACC
AAUUCACGGGAUUUGUCCAAGGUGGACGGGCCACCUUUACUUAACCCGGAAAAGGAACAUAUAUAAUUUAUGUGUGUUCG
AUAAAUAGCCAAA
;
R
5 'polydeoxyribonucleotide'
;(DT)(DT)(DT)(DT)(DT)(DC)(DA)(DG)(DC)(DT)(DG)(DG)(DT)(DT)(DG)(DA)(DC)(DG)(DC)(DG)
(DA)(DT)(DG)(DT)(DG)(DA)(DT)(DT)(DT)(DC)(DT)(DG)(DC)(DC)(DC)(DA)(DG)(DT)(DG)(DC)
(DT)(DC)(DT)(DG)(DA)(DA)(DT)(DG)(DT)(DC)(DA)(DA)(DA)(DG)(DT)(DG)(DA)(DA)(DG)(DA)
(DA)(DA)(DT)(DT)(DC)(DA)(DA)(DT)(DG)(DA)(DA)(DG)(DC)(DG)(DC)(DG)(DG)(DG)(DT)(DA)
(DA)(DA)(DC)(DG)(DG)(DC)(DG)(DG)(DG)(DA)(DG)(DT)(DA)(DA)(DC)(DT)(DA)(DT)(DG)(DA)
(DC)(DT)(DC)(DT)(DC)(DT)(DT)(DA)(DA)(DG)(DG)(DT)(DA)(DG)(DC)(DC)(DA)(DA)(DA)(DT)
(DG)(DC)(DC)(DT)(DC)(DG)(DT)(DC)(DA)(DT)(DC)(DT)(DA)(DA)(DT)(DT)(DA)(DG)(DT)(DG)
(DA)(DC)(DG)(DC)(DG)(DC)(DA)(DT)(DG)(DA)(DA)(DT)(DG)(DG)(DA)(DT)(DT)(DA)(DA)(DC)
(DG)(DA)(DG)(DA)(DT)(DT)(DC)(DC)(DC)(DA)(DC)(DT)(DG)(DT)(DC)(DC)(DC)(DT)(DA)(DT)
(DC)(DT)(DA)(DC)(DT)(DA)(DT)(DC)(DT)(DA)(DG)(DC)(DG)(DA)(DA)(DA)(DC)(DC)(DA)(DC)
(DA)(DG)(DC)(DC)(DA)(DA)(DG)(DG)(DG)(DA)(DA)
;
T
#
loop_
_chem_comp.id
_chem_comp.type
_chem_comp.name
_chem_comp.formula
A RNA linking ADENOSINE-5'-MONOPHOSPHATE 'C10 H14 N5 O7 P'
C RNA linking CYTIDINE-5'-MONOPHOSPHATE 'C9 H14 N3 O8 P'
DA DNA linking 2'-DEOXYADENOSINE-5'-MONOPHOSPHATE 'C10 H14 N5 O6 P'
DC DNA linking 2'-DEOXYCYTIDINE-5'-MONOPHOSPHATE 'C9 H14 N3 O7 P'
DG DNA linking 2'-DEOXYGUANOSINE-5'-MONOPHOSPHATE 'C10 H14 N5 O7 P'
DT DNA linking THYMIDINE-5'-MONOPHOSPHATE 'C10 H15 N2 O8 P'
G RNA linking GUANOSINE-5'-MONOPHOSPHATE 'C10 H14 N5 O8 P'
MG non-polymer 'MAGNESIUM ION' 'Mg 2'
TTP non-polymer THYMIDINE-5'-TRIPHOSPHATE 'C10 H17 N2 O14 P3'
U RNA linking URIDINE-5'-MONOPHOSPHATE 'C9 H13 N2 O9 P'
ZN non-polymer 'ZINC ION' 'Zn 2'
#
# COMPACT_ATOMS: atom_id res chain seq x y z
N LYS A 220 -26.93 -21.58 -10.90
CA LYS A 220 -27.24 -20.15 -10.83
C LYS A 220 -28.61 -19.85 -11.43
N VAL A 221 -29.22 -18.75 -10.98
CA VAL A 221 -30.50 -18.31 -11.50
C VAL A 221 -30.29 -17.76 -12.91
N MET A 222 -31.06 -18.26 -13.87
CA MET A 222 -30.83 -17.97 -15.29
C MET A 222 -31.93 -17.06 -15.84
N VAL A 223 -31.50 -15.95 -16.44
CA VAL A 223 -32.38 -14.92 -16.98
C VAL A 223 -32.01 -14.71 -18.44
N THR A 224 -33.00 -14.67 -19.33
CA THR A 224 -32.78 -14.52 -20.75
C THR A 224 -33.06 -13.08 -21.16
N VAL A 225 -32.06 -12.42 -21.77
CA VAL A 225 -32.11 -10.97 -21.99
C VAL A 225 -31.98 -10.62 -23.48
N PRO A 226 -33.05 -10.72 -24.28
CA PRO A 226 -33.23 -9.75 -25.36
C PRO A 226 -34.10 -8.55 -24.96
N ASP A 227 -34.91 -8.71 -23.93
CA ASP A 227 -36.03 -7.84 -23.58
C ASP A 227 -35.57 -7.08 -22.36
N LYS A 228 -35.77 -5.76 -22.37
CA LYS A 228 -35.32 -4.87 -21.30
C LYS A 228 -36.11 -5.05 -20.01
N ASN A 229 -37.24 -5.75 -20.02
CA ASN A 229 -38.08 -5.92 -18.82
C ASN A 229 -38.53 -7.38 -18.67
N PRO A 230 -37.67 -8.26 -18.19
CA PRO A 230 -38.05 -9.68 -18.05
C PRO A 230 -38.75 -9.93 -16.73
N PRO A 231 -39.47 -11.04 -16.58
CA PRO A 231 -40.02 -11.39 -15.26
C PRO A 231 -39.00 -12.06 -14.35
N CYS A 232 -39.36 -12.09 -13.07
CA CYS A 232 -38.62 -12.88 -12.08
C CYS A 232 -38.95 -14.35 -12.25
N PRO A 233 -37.95 -15.25 -12.31
CA PRO A 233 -38.27 -16.67 -12.46
C PRO A 233 -38.77 -17.33 -11.18
N CYS A 234 -38.63 -16.69 -10.02
CA CYS A 234 -39.13 -17.29 -8.79
C CYS A 234 -40.64 -17.18 -8.64
N CYS A 235 -41.27 -16.19 -9.29
CA CYS A 235 -42.71 -16.01 -9.11
C CYS A 235 -43.45 -15.67 -10.40
N GLY A 236 -42.79 -15.65 -11.55
CA GLY A 236 -43.42 -15.34 -12.83
C GLY A 236 -43.94 -13.92 -12.98
N THR A 237 -43.44 -12.98 -12.19
CA THR A 237 -44.01 -11.64 -12.10
C THR A 237 -43.01 -10.61 -12.63
N ARG A 238 -43.47 -9.74 -13.52
CA ARG A 238 -42.63 -8.73 -14.15
C ARG A 238 -42.44 -7.52 -13.22
N VAL A 239 -41.44 -6.71 -13.59
CA VAL A 239 -40.91 -5.57 -12.86
C VAL A 239 -40.87 -4.40 -13.83
N ASN A 240 -40.09 -3.35 -13.54
CA ASN A 240 -39.92 -2.26 -14.49
C ASN A 240 -38.70 -2.39 -15.39
N SER A 241 -37.57 -2.95 -14.92
CA SER A 241 -36.37 -3.07 -15.72
C SER A 241 -35.51 -4.20 -15.16
N VAL A 242 -34.40 -4.49 -15.86
CA VAL A 242 -33.47 -5.54 -15.41
C VAL A 242 -32.83 -5.14 -14.08
N LEU A 243 -32.55 -3.85 -13.90
CA LEU A 243 -32.03 -3.34 -12.64
C LEU A 243 -33.02 -3.54 -11.49
N ASN A 244 -34.32 -3.35 -11.75
CA ASN A 244 -35.33 -3.68 -10.76
C ASN A 244 -35.47 -5.18 -10.53
N LEU A 245 -35.15 -6.00 -11.55
CA LEU A 245 -35.12 -7.46 -11.37
C LEU A 245 -33.97 -7.88 -10.46
N ILE A 246 -32.79 -7.29 -10.65
CA ILE A 246 -31.63 -7.58 -9.82
C ILE A 246 -31.89 -7.13 -8.38
N GLU A 247 -32.57 -5.98 -8.23
CA GLU A 247 -33.08 -5.52 -6.94
C GLU A 247 -34.01 -6.54 -6.27
N HIS A 248 -35.00 -7.03 -7.01
CA HIS A 248 -35.98 -7.96 -6.44
C HIS A 248 -35.36 -9.32 -6.13
N LEU A 249 -34.40 -9.76 -6.96
CA LEU A 249 -33.68 -11.01 -6.70
C LEU A 249 -32.79 -10.90 -5.47
N LYS A 250 -32.12 -9.75 -5.30
CA LYS A 250 -31.22 -9.58 -4.15
C LYS A 250 -32.01 -9.43 -2.84
N VAL A 251 -33.01 -8.56 -2.82
CA VAL A 251 -33.68 -8.22 -1.57
C VAL A 251 -34.66 -9.31 -1.15
N SER A 252 -35.61 -9.64 -2.02
CA SER A 252 -36.71 -10.51 -1.62
C SER A 252 -36.34 -11.98 -1.57
N HIS A 253 -35.28 -12.39 -2.27
CA HIS A 253 -34.94 -13.81 -2.34
C HIS A 253 -33.49 -14.14 -1.98
N GLY A 254 -32.59 -13.15 -1.93
CA GLY A 254 -31.20 -13.43 -1.60
C GLY A 254 -30.41 -14.15 -2.66
N LYS A 255 -30.85 -14.10 -3.92
CA LYS A 255 -30.23 -14.82 -5.03
C LYS A 255 -29.09 -13.99 -5.63
N ARG A 256 -27.93 -14.03 -4.96
CA ARG A 256 -26.77 -13.29 -5.44
C ARG A 256 -26.13 -13.91 -6.68
N GLY A 257 -26.38 -15.19 -6.95
CA GLY A 257 -25.83 -15.83 -8.14
C GLY A 257 -26.74 -15.74 -9.36
N VAL A 258 -26.47 -14.77 -10.25
CA VAL A 258 -27.33 -14.50 -11.39
C VAL A 258 -26.50 -14.60 -12.66
N CYS A 259 -27.06 -15.24 -13.69
CA CYS A 259 -26.42 -15.40 -14.99
C CYS A 259 -27.39 -15.00 -16.09
N PHE A 260 -26.88 -14.30 -17.09
CA PHE A 260 -27.67 -13.75 -18.19
C PHE A 260 -27.28 -14.41 -19.50
N ARG A 261 -28.27 -14.67 -20.36
CA ARG A 261 -28.07 -15.38 -21.62
C ARG A 261 -28.50 -14.53 -22.82
N CYS A 262 -27.70 -14.56 -23.88
CA CYS A 262 -28.06 -13.98 -25.16
C CYS A 262 -29.10 -14.87 -25.84
N ALA A 263 -30.18 -14.25 -26.34
CA ALA A 263 -31.24 -15.04 -26.96
C ALA A 263 -30.88 -15.51 -28.36
N LYS A 264 -29.98 -14.83 -29.05
CA LYS A 264 -29.66 -15.22 -30.43
C LYS A 264 -28.75 -16.45 -30.49
N CYS A 265 -27.83 -16.60 -29.53
CA CYS A 265 -26.79 -17.60 -29.70
C CYS A 265 -26.55 -18.43 -28.45
N GLY A 266 -27.27 -18.13 -27.37
CA GLY A 266 -27.12 -18.91 -26.14
C GLY A 266 -25.83 -18.70 -25.38
N LYS A 267 -25.08 -17.65 -25.67
CA LYS A 267 -23.87 -17.34 -24.91
C LYS A 267 -24.25 -16.86 -23.51
N GLU A 268 -23.46 -17.25 -22.51
CA GLU A 268 -23.75 -16.88 -21.14
C GLU A 268 -22.58 -16.14 -20.53
N ASN A 269 -22.93 -15.23 -19.62
CA ASN A 269 -21.97 -14.53 -18.78
C ASN A 269 -22.68 -14.19 -17.48
N SER A 270 -21.90 -13.92 -16.44
CA SER A 270 -22.47 -13.46 -15.18
C SER A 270 -22.86 -11.99 -15.22
N ASN A 271 -22.46 -11.26 -16.26
CA ASN A 271 -22.55 -9.81 -16.30
C ASN A 271 -23.62 -9.40 -17.30
N TYR A 272 -24.58 -8.59 -16.84
CA TYR A 272 -25.69 -8.09 -17.66
C TYR A 272 -25.24 -7.21 -18.82
N HIS A 273 -24.31 -6.30 -18.53
CA HIS A 273 -23.88 -5.30 -19.50
C HIS A 273 -23.09 -5.96 -20.63
N SER A 274 -22.42 -7.08 -20.32
CA SER A 274 -21.79 -7.92 -21.33
C SER A 274 -22.80 -8.46 -22.34
N VAL A 275 -23.95 -8.93 -21.85
CA VAL A 275 -24.96 -9.53 -22.74
C VAL A 275 -25.64 -8.47 -23.59
N VAL A 276 -25.94 -7.30 -23.01
CA VAL A 276 -26.57 -6.28 -23.86
C VAL A 276 -25.58 -5.60 -24.81
N CYS A 277 -24.28 -5.63 -24.51
CA CYS A 277 -23.34 -5.29 -25.57
C CYS A 277 -23.13 -6.42 -26.57
N HIS A 278 -23.41 -7.67 -26.17
CA HIS A 278 -23.34 -8.79 -27.10
C HIS A 278 -24.45 -8.75 -28.15
N PHE A 279 -25.66 -8.36 -27.75
CA PHE A 279 -26.84 -8.50 -28.61
C PHE A 279 -26.82 -7.78 -29.97
N PRO A 280 -26.37 -6.52 -30.14
CA PRO A 280 -26.35 -5.97 -31.51
C PRO A 280 -25.28 -6.58 -32.39
N LYS A 281 -24.13 -6.89 -31.82
CA LYS A 281 -22.96 -7.35 -32.57
C LYS A 281 -22.95 -8.86 -32.76
N CYS A 282 -23.97 -9.55 -32.23
CA CYS A 282 -24.09 -11.00 -32.34
C CYS A 282 -24.28 -11.43 -33.78
N ARG A 283 -23.61 -12.52 -34.16
CA ARG A 283 -23.66 -13.01 -35.54
C ARG A 283 -24.40 -14.33 -35.64
N GLY A 293 -11.07 -29.44 -38.33
CA GLY A 293 -9.66 -29.56 -38.63
C GLY A 293 -9.17 -30.99 -38.78
N GLU A 294 -8.13 -31.16 -39.60
CA GLU A 294 -7.57 -32.48 -39.86
C GLU A 294 -6.74 -33.02 -38.69
N TRP A 295 -6.12 -32.14 -37.92
CA TRP A 295 -5.21 -32.54 -36.85
C TRP A 295 -5.92 -32.39 -35.51
N ILE A 296 -5.79 -33.39 -34.65
CA ILE A 296 -6.53 -33.43 -33.39
C ILE A 296 -5.55 -33.55 -32.23
N CYS A 297 -5.69 -32.67 -31.25
CA CYS A 297 -4.97 -32.76 -29.98
C CYS A 297 -5.53 -33.93 -29.18
N GLU A 298 -4.66 -34.86 -28.81
CA GLU A 298 -5.08 -36.03 -28.03
C GLU A 298 -5.29 -35.72 -26.55
N VAL A 299 -4.98 -34.51 -26.08
CA VAL A 299 -5.20 -34.17 -24.68
C VAL A 299 -6.60 -33.60 -24.43
N CYS A 300 -7.12 -32.80 -25.36
CA CYS A 300 -8.37 -32.08 -25.11
C CYS A 300 -9.33 -32.08 -26.30
N ASN A 301 -9.07 -32.85 -27.35
CA ASN A 301 -9.89 -33.04 -28.55
C ASN A 301 -10.11 -31.76 -29.35
N ARG A 302 -9.22 -30.77 -29.22
CA ARG A 302 -9.26 -29.58 -30.06
C ARG A 302 -8.79 -29.91 -31.47
N ASP A 303 -9.31 -29.17 -32.45
CA ASP A 303 -9.04 -29.44 -33.85
C ASP A 303 -8.37 -28.24 -34.50
N PHE A 304 -7.40 -28.53 -35.38
CA PHE A 304 -6.54 -27.54 -36.01
C PHE A 304 -6.28 -27.93 -37.45
N THR A 305 -5.88 -26.94 -38.26
CA THR A 305 -5.72 -27.17 -39.69
C THR A 305 -4.35 -27.70 -40.08
N THR A 306 -3.29 -27.36 -39.33
CA THR A 306 -1.93 -27.77 -39.66
C THR A 306 -1.25 -28.34 -38.43
N LYS A 307 -0.18 -29.11 -38.66
CA LYS A 307 0.55 -29.71 -37.56
C LYS A 307 1.39 -28.68 -36.81
N ILE A 308 1.77 -27.59 -37.49
CA ILE A 308 2.49 -26.49 -36.84
C ILE A 308 1.62 -25.82 -35.78
N GLY A 309 0.34 -25.60 -36.12
CA GLY A 309 -0.61 -25.07 -35.15
C GLY A 309 -0.88 -26.02 -34.00
N LEU A 310 -0.88 -27.33 -34.27
CA LEU A 310 -1.05 -28.33 -33.23
C LEU A 310 0.14 -28.36 -32.28
N GLY A 311 1.35 -28.28 -32.82
CA GLY A 311 2.54 -28.23 -31.98
C GLY A 311 2.64 -26.96 -31.17
N GLN A 312 2.16 -25.83 -31.73
CA GLN A 312 2.16 -24.58 -30.99
C GLN A 312 1.11 -24.59 -29.88
N HIS A 313 -0.06 -25.17 -30.17
CA HIS A 313 -1.08 -25.39 -29.15
C HIS A 313 -0.59 -26.26 -28.02
N LYS A 314 0.12 -27.33 -28.35
CA LYS A 314 0.61 -28.21 -27.30
C LYS A 314 1.80 -27.59 -26.56
N ARG A 315 2.53 -26.66 -27.19
CA ARG A 315 3.52 -25.88 -26.46
C ARG A 315 2.86 -24.95 -25.44
N LEU A 316 1.82 -24.23 -25.86
CA LEU A 316 1.22 -23.22 -25.01
C LEU A 316 0.30 -23.82 -23.93
N ALA A 317 -0.65 -24.65 -24.34
CA ALA A 317 -1.73 -25.08 -23.46
C ALA A 317 -1.38 -26.31 -22.62
N HIS A 318 -0.50 -27.18 -23.12
CA HIS A 318 -0.18 -28.42 -22.42
C HIS A 318 1.33 -28.55 -22.19
N PRO A 319 1.91 -27.81 -21.20
CA PRO A 319 3.28 -28.12 -20.79
C PRO A 319 3.39 -29.52 -20.19
N ALA A 320 4.59 -30.10 -20.33
CA ALA A 320 5.05 -31.43 -19.88
C ALA A 320 4.44 -32.59 -20.67
N VAL A 321 3.52 -32.31 -21.58
CA VAL A 321 3.24 -33.22 -22.69
C VAL A 321 4.17 -32.90 -23.86
N ARG A 322 4.29 -31.62 -24.19
CA ARG A 322 5.25 -31.15 -25.19
C ARG A 322 6.69 -31.44 -24.79
N ASN A 323 6.99 -31.36 -23.49
CA ASN A 323 8.32 -31.69 -22.99
C ASN A 323 8.65 -33.17 -23.20
N GLN A 324 7.69 -34.05 -22.96
CA GLN A 324 7.88 -35.48 -23.22
C GLN A 324 8.02 -35.77 -24.70
N GLU A 325 7.28 -35.01 -25.54
CA GLU A 325 7.42 -35.17 -26.99
C GLU A 325 8.80 -34.69 -27.47
N ARG A 326 9.33 -33.63 -26.87
CA ARG A 326 10.66 -33.15 -27.25
C ARG A 326 11.76 -34.11 -26.77
N ILE A 327 11.57 -34.72 -25.60
CA ILE A 327 12.53 -35.72 -25.11
C ILE A 327 12.51 -36.97 -26.00
N VAL A 328 11.31 -37.41 -26.39
CA VAL A 328 11.14 -38.56 -27.27
C VAL A 328 11.76 -38.32 -28.65
N ALA A 329 11.63 -37.11 -29.18
CA ALA A 329 12.20 -36.78 -30.49
C ALA A 329 13.72 -36.62 -30.46
N SER A 330 14.34 -36.52 -29.30
CA SER A 330 15.79 -36.40 -29.19
C SER A 330 16.51 -37.70 -29.53
N LYS A 546 -35.09 -3.99 30.05
CA LYS A 546 -35.31 -5.03 31.05
C LYS A 546 -36.70 -5.66 30.88
N LYS A 547 -36.96 -6.07 29.65
CA LYS A 547 -38.12 -6.88 29.28
C LYS A 547 -37.91 -8.32 29.78
N PRO A 548 -38.97 -9.13 29.95
CA PRO A 548 -38.78 -10.42 30.67
C PRO A 548 -37.91 -11.49 30.00
N PHE A 549 -38.07 -11.76 28.71
CA PHE A 549 -37.45 -12.93 28.10
C PHE A 549 -36.15 -12.55 27.38
N GLN A 550 -35.46 -13.58 26.83
CA GLN A 550 -34.07 -13.45 26.44
C GLN A 550 -33.71 -14.06 25.08
N LYS A 551 -34.65 -14.22 24.15
CA LYS A 551 -34.37 -15.09 23.01
C LYS A 551 -33.90 -14.39 21.73
N TRP A 552 -34.70 -13.50 21.13
CA TRP A 552 -34.26 -12.74 19.94
C TRP A 552 -33.24 -11.68 20.30
N MET A 553 -33.25 -11.24 21.56
CA MET A 553 -32.30 -10.27 22.06
C MET A 553 -30.87 -10.80 22.10
N LYS A 554 -30.69 -12.13 22.10
CA LYS A 554 -29.37 -12.72 21.90
C LYS A 554 -28.83 -12.43 20.50
N ASP A 555 -29.69 -12.54 19.47
CA ASP A 555 -29.26 -12.26 18.10
C ASP A 555 -28.98 -10.77 17.90
N ARG A 556 -29.80 -9.91 18.52
CA ARG A 556 -29.53 -8.47 18.52
C ARG A 556 -28.22 -8.14 19.23
N ALA A 557 -27.93 -8.85 20.33
CA ALA A 557 -26.69 -8.69 21.08
C ALA A 557 -25.46 -9.09 20.26
N ILE A 558 -25.57 -10.19 19.49
CA ILE A 558 -24.47 -10.66 18.65
C ILE A 558 -24.17 -9.65 17.54
N LYS A 559 -25.22 -9.12 16.89
CA LYS A 559 -25.02 -8.13 15.83
C LYS A 559 -24.43 -6.82 16.36
N LYS A 560 -24.95 -6.34 17.50
CA LYS A 560 -24.42 -5.13 18.14
C LYS A 560 -23.00 -5.32 18.64
N GLY A 561 -22.66 -6.53 19.07
CA GLY A 561 -21.30 -6.79 19.53
C GLY A 561 -20.28 -6.86 18.40
N ASN A 562 -20.68 -7.45 17.27
CA ASN A 562 -19.82 -7.45 16.09
C ASN A 562 -19.57 -6.03 15.58
N TYR A 563 -20.62 -5.19 15.58
CA TYR A 563 -20.46 -3.79 15.21
C TYR A 563 -19.57 -3.04 16.20
N LEU A 564 -19.72 -3.31 17.50
CA LEU A 564 -18.89 -2.67 18.52
C LEU A 564 -17.42 -3.04 18.37
N ARG A 565 -17.14 -4.32 18.08
CA ARG A 565 -15.77 -4.78 17.90
C ARG A 565 -15.10 -4.11 16.70
N PHE A 566 -15.81 -4.03 15.57
CA PHE A 566 -15.20 -3.43 14.38
C PHE A 566 -15.07 -1.90 14.50
N GLN A 567 -16.06 -1.22 15.11
CA GLN A 567 -15.92 0.22 15.31
C GLN A 567 -14.86 0.57 16.35
N ARG A 568 -14.66 -0.29 17.35
CA ARG A 568 -13.57 -0.09 18.30
C ARG A 568 -12.21 -0.26 17.64
N LEU A 569 -12.05 -1.30 16.82
CA LEU A 569 -10.77 -1.56 16.19
C LEU A 569 -10.46 -0.57 15.07
N PHE A 570 -11.48 0.04 14.47
CA PHE A 570 -11.20 1.05 13.44
C PHE A 570 -10.54 2.30 14.02
N TYR A 571 -10.74 2.62 15.29
CA TYR A 571 -10.09 3.77 15.90
C TYR A 571 -9.01 3.44 16.92
N LEU A 572 -8.88 2.19 17.37
CA LEU A 572 -7.71 1.86 18.17
C LEU A 572 -6.53 1.38 17.33
N ASP A 573 -6.73 0.33 16.53
CA ASP A 573 -5.63 -0.29 15.78
C ASP A 573 -6.20 -0.78 14.44
N ARG A 574 -6.06 0.06 13.42
CA ARG A 574 -6.65 -0.23 12.12
C ARG A 574 -5.84 -1.25 11.34
N GLY A 575 -4.56 -1.41 11.66
CA GLY A 575 -3.76 -2.46 11.05
C GLY A 575 -4.21 -3.85 11.43
N LYS A 576 -4.58 -4.04 12.70
CA LYS A 576 -5.15 -5.33 13.12
C LYS A 576 -6.52 -5.57 12.49
N LEU A 577 -7.31 -4.50 12.30
CA LEU A 577 -8.60 -4.64 11.62
C LEU A 577 -8.41 -5.06 10.17
N ALA A 578 -7.39 -4.51 9.50
CA ALA A 578 -7.03 -4.95 8.15
C ALA A 578 -6.60 -6.41 8.11
N LYS A 579 -5.80 -6.85 9.10
CA LYS A 579 -5.36 -8.24 9.13
C LYS A 579 -6.50 -9.20 9.42
N ILE A 580 -7.43 -8.82 10.31
CA ILE A 580 -8.59 -9.65 10.65
C ILE A 580 -9.52 -9.78 9.44
N ILE A 581 -9.72 -8.68 8.70
CA ILE A 581 -10.57 -8.72 7.50
C ILE A 581 -9.91 -9.55 6.40
N LEU A 582 -8.63 -9.33 6.12
CA LEU A 582 -8.04 -9.92 4.92
C LEU A 582 -7.48 -11.32 5.13
N ASP A 583 -6.90 -11.62 6.30
CA ASP A 583 -5.99 -12.75 6.44
C ASP A 583 -6.50 -13.94 7.25
N ASP A 584 -7.67 -13.83 7.90
CA ASP A 584 -8.35 -14.87 8.73
C ASP A 584 -7.46 -15.53 9.79
N ILE A 585 -6.46 -14.83 10.31
CA ILE A 585 -5.53 -15.39 11.30
C ILE A 585 -6.20 -15.56 12.66
N LEU A 594 3.92 -25.65 27.06
CA LEU A 594 4.77 -25.09 28.10
C LEU A 594 5.97 -25.97 28.38
N SER A 595 5.71 -27.26 28.59
CA SER A 595 6.80 -28.21 28.80
C SER A 595 7.53 -28.52 27.49
N GLU A 596 6.78 -28.57 26.38
CA GLU A 596 7.36 -28.81 25.06
C GLU A 596 8.28 -27.66 24.63
N ILE A 597 7.81 -26.43 24.84
CA ILE A 597 8.56 -25.22 24.46
C ILE A 597 9.86 -25.14 25.27
N TYR A 598 9.76 -25.33 26.59
CA TYR A 598 10.92 -25.33 27.47
C TYR A 598 11.90 -26.45 27.14
N SER A 599 11.40 -27.66 26.89
CA SER A 599 12.27 -28.80 26.64
C SER A 599 13.00 -28.68 25.32
N VAL A 600 12.28 -28.34 24.24
CA VAL A 600 12.88 -28.26 22.90
C VAL A 600 13.84 -27.08 22.80
N PHE A 601 13.42 -25.88 23.25
CA PHE A 601 14.31 -24.74 23.15
C PHE A 601 15.47 -24.81 24.16
N LYS A 602 15.30 -25.50 25.30
CA LYS A 602 16.39 -25.65 26.24
C LYS A 602 17.44 -26.62 25.71
N THR A 603 17.00 -27.75 25.11
CA THR A 603 17.99 -28.65 24.52
C THR A 603 18.55 -28.09 23.20
N ARG A 604 17.87 -27.12 22.59
CA ARG A 604 18.39 -26.50 21.38
C ARG A 604 19.46 -25.46 21.67
N TRP A 605 19.25 -24.60 22.67
CA TRP A 605 20.17 -23.49 22.88
C TRP A 605 21.38 -23.82 23.73
N GLU A 606 21.26 -24.71 24.72
CA GLU A 606 22.25 -24.81 25.79
C GLU A 606 23.54 -25.52 25.35
N THR A 607 23.48 -26.31 24.30
CA THR A 607 24.63 -27.12 23.88
C THR A 607 25.45 -26.35 22.85
N THR A 608 26.77 -26.36 23.05
CA THR A 608 27.72 -25.71 22.15
C THR A 608 27.71 -26.39 20.78
N GLY A 609 27.86 -25.60 19.72
CA GLY A 609 27.79 -26.11 18.36
C GLY A 609 28.99 -26.94 17.96
N SER A 610 28.87 -27.58 16.80
CA SER A 610 29.79 -28.58 16.31
C SER A 610 30.83 -28.05 15.33
N PHE A 611 31.18 -26.76 15.40
CA PHE A 611 32.24 -26.21 14.56
C PHE A 611 33.60 -26.77 14.97
N LYS A 612 34.36 -27.24 13.97
CA LYS A 612 35.73 -27.67 14.20
C LYS A 612 36.74 -26.63 13.69
N SER A 613 36.74 -26.30 12.40
CA SER A 613 37.75 -25.45 11.78
C SER A 613 37.23 -25.03 10.40
N LEU A 614 37.72 -23.88 9.93
CA LEU A 614 37.33 -23.40 8.61
C LEU A 614 38.07 -24.10 7.47
N GLY A 615 39.25 -24.69 7.74
CA GLY A 615 39.99 -25.40 6.72
C GLY A 615 40.57 -24.46 5.66
N ASP A 616 40.33 -24.81 4.39
CA ASP A 616 40.82 -24.05 3.25
C ASP A 616 39.92 -22.88 2.86
N PHE A 617 38.78 -22.72 3.53
CA PHE A 617 37.88 -21.62 3.23
C PHE A 617 38.45 -20.30 3.74
N LYS A 618 38.44 -19.28 2.87
CA LYS A 618 39.06 -17.99 3.16
C LYS A 618 38.09 -16.86 2.84
N THR A 619 38.13 -15.81 3.67
CA THR A 619 37.25 -14.66 3.52
C THR A 619 37.74 -13.69 2.45
N TYR A 620 36.87 -12.75 2.10
CA TYR A 620 37.10 -11.71 1.09
C TYR A 620 37.94 -10.58 1.67
N GLY A 621 39.27 -10.80 1.72
CA GLY A 621 40.21 -9.74 2.02
C GLY A 621 40.29 -9.38 3.49
N LYS A 622 41.35 -8.63 3.82
CA LYS A 622 41.59 -8.20 5.19
C LYS A 622 40.89 -6.88 5.50
N ALA A 623 40.72 -6.64 6.80
CA ALA A 623 39.84 -5.60 7.32
C ALA A 623 40.51 -4.22 7.30
N ASP A 624 39.67 -3.20 7.42
CA ASP A 624 40.08 -1.80 7.49
C ASP A 624 39.89 -1.39 8.95
N ASN A 625 40.97 -1.44 9.74
CA ASN A 625 40.93 -1.18 11.18
C ASN A 625 40.81 0.30 11.54
N THR A 626 40.79 1.21 10.56
CA THR A 626 40.68 2.64 10.84
C THR A 626 39.28 3.00 11.36
N ALA A 627 38.27 2.17 11.09
CA ALA A 627 36.88 2.48 11.44
C ALA A 627 36.65 2.51 12.94
N PHE A 628 37.43 1.76 13.72
CA PHE A 628 37.22 1.69 15.16
C PHE A 628 37.96 2.77 15.93
N ARG A 629 38.68 3.66 15.24
CA ARG A 629 39.58 4.61 15.88
C ARG A 629 38.83 5.73 16.61
N GLU A 630 38.01 6.48 15.88
CA GLU A 630 37.38 7.68 16.40
C GLU A 630 36.26 7.35 17.38
N LEU A 631 36.12 8.15 18.43
CA LEU A 631 35.21 7.86 19.52
C LEU A 631 33.75 8.07 19.12
N ILE A 632 32.85 7.48 19.91
CA ILE A 632 31.41 7.66 19.73
C ILE A 632 31.02 9.05 20.20
N THR A 633 30.48 9.85 19.28
CA THR A 633 29.97 11.17 19.62
C THR A 633 28.47 11.09 19.92
N ALA A 634 27.95 12.17 20.52
CA ALA A 634 26.54 12.27 20.84
C ALA A 634 25.68 12.40 19.58
N LYS A 635 26.22 13.00 18.52
CA LYS A 635 25.45 13.19 17.29
C LYS A 635 25.34 11.89 16.50
N GLU A 636 26.34 11.01 16.61
CA GLU A 636 26.26 9.66 16.07
C GLU A 636 25.16 8.86 16.77
N ILE A 637 25.05 9.03 18.10
CA ILE A 637 23.96 8.43 18.87
C ILE A 637 22.62 9.00 18.43
N GLU A 638 22.55 10.31 18.21
CA GLU A 638 21.32 10.98 17.76
C GLU A 638 20.86 10.47 16.38
N LYS A 639 21.81 10.29 15.46
CA LYS A 639 21.51 9.75 14.14
C LYS A 639 21.00 8.31 14.21
N ASN A 640 21.65 7.48 15.04
CA ASN A 640 21.19 6.10 15.19
C ASN A 640 19.86 6.00 15.93
N VAL A 641 19.55 6.93 16.84
CA VAL A 641 18.23 6.95 17.46
C VAL A 641 17.15 7.38 16.46
N GLN A 642 17.48 8.30 15.54
CA GLN A 642 16.53 8.61 14.45
C GLN A 642 16.34 7.42 13.52
N GLU A 643 17.38 6.61 13.30
CA GLU A 643 17.23 5.45 12.43
C GLU A 643 16.64 4.22 13.11
N MET A 644 16.50 4.20 14.44
CA MET A 644 15.83 3.08 15.10
C MET A 644 14.33 3.09 14.87
N SER A 645 13.72 1.92 15.08
CA SER A 645 12.27 1.79 15.01
C SER A 645 11.58 2.56 16.13
N LYS A 646 10.48 3.21 15.78
CA LYS A 646 9.92 4.29 16.60
C LYS A 646 9.19 3.79 17.84
N GLY A 647 8.47 2.67 17.76
CA GLY A 647 7.58 2.26 18.84
C GLY A 647 7.81 0.90 19.47
N SER A 648 9.06 0.42 19.46
CA SER A 648 9.37 -0.97 19.78
C SER A 648 9.24 -1.28 21.26
N ALA A 649 9.07 -2.58 21.56
CA ALA A 649 8.92 -3.08 22.91
C ALA A 649 10.21 -2.93 23.72
N PRO A 650 10.10 -2.80 25.04
CA PRO A 650 11.29 -2.80 25.89
C PRO A 650 11.73 -4.22 26.26
N GLY A 651 12.92 -4.30 26.85
CA GLY A 651 13.46 -5.54 27.35
C GLY A 651 12.95 -5.89 28.73
N PRO A 652 13.62 -6.80 29.43
CA PRO A 652 13.27 -7.08 30.83
C PRO A 652 13.51 -5.91 31.78
N ASP A 653 14.42 -5.00 31.44
CA ASP A 653 14.65 -3.81 32.26
C ASP A 653 13.59 -2.74 32.06
N GLY A 654 12.75 -2.85 31.02
CA GLY A 654 11.54 -2.06 30.90
C GLY A 654 11.69 -0.68 30.32
N ILE A 655 12.91 -0.20 30.10
CA ILE A 655 13.10 1.13 29.51
C ILE A 655 12.86 1.07 28.00
N THR A 656 12.13 2.05 27.48
CA THR A 656 11.95 2.23 26.05
C THR A 656 12.82 3.38 25.56
N LEU A 657 12.88 3.53 24.23
CA LEU A 657 13.78 4.49 23.60
C LEU A 657 13.37 5.93 23.90
N GLY A 658 12.06 6.20 23.92
CA GLY A 658 11.58 7.52 24.31
C GLY A 658 11.88 7.86 25.76
N ASP A 659 11.90 6.85 26.64
CA ASP A 659 12.31 7.06 28.01
C ASP A 659 13.80 7.39 28.12
N VAL A 660 14.62 6.80 27.24
CA VAL A 660 16.05 7.12 27.18
C VAL A 660 16.24 8.56 26.73
N VAL A 661 15.42 9.02 25.77
CA VAL A 661 15.48 10.41 25.34
C VAL A 661 15.02 11.36 26.45
N LYS A 662 13.97 10.99 27.18
CA LYS A 662 13.48 11.83 28.28
C LYS A 662 14.46 11.90 29.45
N MET A 663 15.10 10.77 29.78
CA MET A 663 16.07 10.76 30.87
C MET A 663 17.37 11.48 30.52
N ASP A 664 17.69 11.61 29.24
CA ASP A 664 18.97 12.13 28.79
C ASP A 664 18.80 12.77 27.40
N PRO A 665 18.36 14.04 27.35
CA PRO A 665 18.04 14.66 26.04
C PRO A 665 19.23 14.92 25.14
N GLU A 666 20.35 15.39 25.68
CA GLU A 666 21.51 15.77 24.88
C GLU A 666 22.43 14.61 24.59
N PHE A 667 22.05 13.39 24.98
CA PHE A 667 22.82 12.16 24.85
C PHE A 667 24.19 12.23 25.50
N SER A 668 24.31 12.93 26.65
CA SER A 668 25.60 13.02 27.33
C SER A 668 25.90 11.76 28.14
N ARG A 669 24.94 11.34 28.99
CA ARG A 669 25.14 10.21 29.90
C ARG A 669 25.32 8.90 29.14
N THR A 670 24.53 8.71 28.09
CA THR A 670 24.68 7.53 27.24
C THR A 670 25.99 7.57 26.47
N MET A 671 26.49 8.78 26.15
CA MET A 671 27.80 8.87 25.51
C MET A 671 28.92 8.41 26.43
N GLU A 672 28.89 8.83 27.71
CA GLU A 672 29.90 8.36 28.66
C GLU A 672 29.78 6.85 28.91
N ILE A 673 28.55 6.34 28.97
CA ILE A 673 28.32 4.91 29.16
C ILE A 673 28.84 4.09 27.97
N PHE A 674 28.51 4.52 26.74
CA PHE A 674 28.93 3.80 25.55
C PHE A 674 30.42 3.89 25.31
N ASN A 675 31.04 5.05 25.58
CA ASN A 675 32.49 5.10 25.46
C ASN A 675 33.20 4.32 26.56
N LEU A 676 32.61 4.21 27.76
CA LEU A 676 33.17 3.35 28.80
C LEU A 676 33.13 1.88 28.38
N TRP A 677 31.99 1.44 27.82
CA TRP A 677 31.88 0.09 27.27
C TRP A 677 32.85 -0.13 26.12
N LEU A 678 33.07 0.90 25.30
CA LEU A 678 33.90 0.71 24.12
C LEU A 678 35.39 0.66 24.47
N THR A 679 35.85 1.50 25.41
CA THR A 679 37.29 1.44 25.71
C THR A 679 37.63 0.32 26.67
N THR A 680 36.71 -0.08 27.55
CA THR A 680 36.96 -1.27 28.34
C THR A 680 36.88 -2.54 27.49
N GLY A 681 36.02 -2.52 26.47
CA GLY A 681 35.86 -3.68 25.62
C GLY A 681 34.99 -4.77 26.20
N LYS A 682 34.30 -4.49 27.31
CA LYS A 682 33.40 -5.46 27.91
C LYS A 682 32.09 -4.75 28.26
N ILE A 683 30.98 -5.43 28.03
CA ILE A 683 29.67 -4.90 28.38
C ILE A 683 29.36 -5.32 29.84
N PRO A 684 28.58 -4.55 30.59
CA PRO A 684 28.30 -4.94 31.98
C PRO A 684 27.29 -6.07 32.06
N ASP A 685 27.26 -6.71 33.23
CA ASP A 685 26.37 -7.85 33.45
C ASP A 685 24.90 -7.45 33.59
N MET A 686 24.61 -6.17 33.77
CA MET A 686 23.23 -5.72 34.00
C MET A 686 22.37 -5.72 32.75
N VAL A 687 22.92 -5.97 31.56
CA VAL A 687 22.16 -6.00 30.33
C VAL A 687 22.13 -7.38 29.68
N ARG A 688 22.72 -8.39 30.32
CA ARG A 688 22.88 -9.70 29.69
C ARG A 688 21.59 -10.51 29.67
N GLY A 689 20.58 -10.12 30.45
CA GLY A 689 19.32 -10.85 30.47
C GLY A 689 18.41 -10.43 29.31
N CYS A 690 17.69 -11.40 28.76
CA CYS A 690 16.81 -11.17 27.62
C CYS A 690 15.48 -11.89 27.79
N ARG A 691 14.50 -11.51 26.97
CA ARG A 691 13.19 -12.16 26.91
C ARG A 691 13.01 -12.81 25.54
N THR A 692 12.19 -13.86 25.46
CA THR A 692 11.93 -14.59 24.22
C THR A 692 10.43 -14.71 23.97
N VAL A 693 10.00 -14.30 22.76
CA VAL A 693 8.60 -14.31 22.33
C VAL A 693 8.54 -15.07 21.00
N LEU A 694 7.56 -15.96 20.87
CA LEU A 694 7.44 -16.83 19.69
C LEU A 694 6.49 -16.24 18.66
N ILE A 695 6.93 -16.22 17.41
CA ILE A 695 6.18 -15.70 16.26
C ILE A 695 5.83 -16.88 15.35
N PRO A 696 4.60 -17.02 14.86
CA PRO A 696 4.29 -18.12 13.95
C PRO A 696 4.82 -17.86 12.54
N LYS A 697 5.24 -18.95 11.89
CA LYS A 697 5.77 -18.85 10.53
C LYS A 697 4.69 -18.98 9.46
N SER A 698 3.54 -19.57 9.79
CA SER A 698 2.45 -19.73 8.81
C SER A 698 1.12 -19.59 9.53
N SER A 699 0.12 -19.08 8.80
CA SER A 699 -1.18 -18.77 9.38
C SER A 699 -2.09 -19.98 9.51
N LYS A 700 -1.80 -21.08 8.81
CA LYS A 700 -2.70 -22.24 8.77
C LYS A 700 -2.73 -23.00 10.09
N PRO A 701 -3.92 -23.31 10.63
CA PRO A 701 -4.00 -24.12 11.87
C PRO A 701 -3.47 -25.55 11.73
N ASP A 702 -3.36 -26.09 10.51
CA ASP A 702 -2.72 -27.38 10.26
C ASP A 702 -1.25 -27.41 10.65
N ARG A 703 -0.58 -26.27 10.69
CA ARG A 703 0.85 -26.19 10.93
C ARG A 703 1.20 -25.80 12.37
N LEU A 704 0.28 -25.15 13.09
CA LEU A 704 0.58 -24.48 14.35
C LEU A 704 0.91 -25.43 15.50
N LYS A 705 0.55 -26.72 15.38
CA LYS A 705 0.85 -27.68 16.43
C LYS A 705 2.34 -28.00 16.49
N ASP A 706 3.03 -27.96 15.36
CA ASP A 706 4.40 -28.45 15.24
C ASP A 706 5.31 -27.32 15.74
N ILE A 707 6.24 -27.66 16.65
CA ILE A 707 7.10 -26.67 17.30
C ILE A 707 8.09 -26.00 16.33
N ASN A 708 8.43 -26.66 15.22
CA ASN A 708 9.41 -26.13 14.29
C ASN A 708 8.88 -24.97 13.45
N ASN A 709 7.56 -24.74 13.44
CA ASN A 709 6.98 -23.60 12.76
C ASN A 709 6.78 -22.41 13.69
N TRP A 710 7.57 -22.31 14.76
CA TRP A 710 7.60 -21.15 15.63
C TRP A 710 9.03 -20.63 15.70
N ARG A 711 9.16 -19.30 15.68
CA ARG A 711 10.43 -18.63 15.53
C ARG A 711 10.80 -17.94 16.83
N PRO A 712 11.90 -18.30 17.49
CA PRO A 712 12.27 -17.62 18.74
C PRO A 712 12.89 -16.24 18.53
N ILE A 713 12.10 -15.21 18.80
CA ILE A 713 12.56 -13.82 18.75
C ILE A 713 13.05 -13.41 20.13
N THR A 714 14.31 -12.99 20.21
CA THR A 714 14.93 -12.64 21.48
C THR A 714 15.15 -11.13 21.52
N ILE A 715 14.61 -10.49 22.54
CA ILE A 715 14.62 -9.03 22.70
C ILE A 715 15.51 -8.70 23.88
N GLY A 716 16.45 -7.77 23.68
CA GLY A 716 17.37 -7.36 24.72
C GLY A 716 17.04 -6.00 25.29
N SER A 717 17.97 -5.50 26.11
CA SER A 717 17.91 -4.15 26.64
C SER A 717 18.01 -3.13 25.51
N ILE A 718 17.33 -1.99 25.68
CA ILE A 718 17.31 -0.95 24.66
C ILE A 718 18.68 -0.30 24.46
N LEU A 719 19.45 -0.15 25.55
CA LEU A 719 20.76 0.48 25.45
C LEU A 719 21.77 -0.44 24.78
N LEU A 720 21.67 -1.75 25.08
CA LEU A 720 22.48 -2.76 24.41
C LEU A 720 22.17 -2.82 22.92
N ARG A 721 20.89 -2.70 22.57
CA ARG A 721 20.44 -2.79 21.18
C ARG A 721 20.91 -1.58 20.37
N LEU A 722 20.81 -0.39 20.96
CA LEU A 722 21.34 0.83 20.34
C LEU A 722 22.85 0.78 20.20
N PHE A 723 23.55 0.28 21.24
CA PHE A 723 25.00 0.13 21.20
C PHE A 723 25.44 -0.89 20.14
N SER A 724 24.66 -1.96 19.97
CA SER A 724 24.92 -2.93 18.92
C SER A 724 24.78 -2.32 17.54
N ARG A 725 23.78 -1.46 17.32
CA ARG A 725 23.65 -0.80 16.01
C ARG A 725 24.81 0.15 15.73
N ILE A 726 25.25 0.88 16.76
CA ILE A 726 26.40 1.79 16.65
C ILE A 726 27.69 1.01 16.32
N VAL A 727 27.89 -0.16 16.93
CA VAL A 727 29.07 -0.96 16.62
C VAL A 727 28.96 -1.60 15.23
N THR A 728 27.76 -2.06 14.85
CA THR A 728 27.55 -2.73 13.56
C THR A 728 27.77 -1.81 12.37
N ALA A 729 27.49 -0.51 12.51
CA ALA A 729 27.82 0.44 11.44
C ALA A 729 29.33 0.50 11.16
N ARG A 730 30.14 0.50 12.22
CA ARG A 730 31.59 0.55 12.08
C ARG A 730 32.16 -0.78 11.60
N LEU A 731 31.64 -1.89 12.11
CA LEU A 731 32.13 -3.21 11.69
C LEU A 731 31.71 -3.52 10.25
N SER A 732 30.56 -3.00 9.82
CA SER A 732 30.14 -3.12 8.44
C SER A 732 30.99 -2.25 7.52
N LYS A 733 31.51 -1.12 8.01
CA LYS A 733 32.49 -0.39 7.22
C LYS A 733 33.82 -1.13 7.14
N ALA A 734 34.23 -1.78 8.24
CA ALA A 734 35.55 -2.40 8.31
C ALA A 734 35.66 -3.66 7.46
N CYS A 735 34.55 -4.36 7.21
CA CYS A 735 34.58 -5.68 6.57
C CYS A 735 33.78 -5.68 5.27
N PRO A 736 34.43 -5.43 4.12
CA PRO A 736 33.73 -5.54 2.83
C PRO A 736 33.39 -6.99 2.50
N LEU A 737 32.16 -7.21 2.05
CA LEU A 737 31.69 -8.55 1.71
C LEU A 737 31.92 -8.85 0.23
N ASN A 738 31.84 -10.14 -0.09
CA ASN A 738 31.82 -10.60 -1.47
C ASN A 738 30.57 -10.05 -2.16
N PRO A 739 30.70 -9.43 -3.33
CA PRO A 739 29.53 -8.85 -4.02
C PRO A 739 28.41 -9.82 -4.45
N ARG A 740 28.60 -11.14 -4.34
CA ARG A 740 27.50 -12.07 -4.59
C ARG A 740 26.42 -11.98 -3.52
N GLN A 741 26.76 -11.54 -2.31
CA GLN A 741 25.84 -11.47 -1.19
C GLN A 741 25.05 -10.17 -1.26
N ARG A 742 23.75 -10.28 -1.54
CA ARG A 742 22.89 -9.11 -1.75
C ARG A 742 21.97 -8.83 -0.57
N GLY A 743 21.91 -9.71 0.42
CA GLY A 743 21.05 -9.50 1.57
C GLY A 743 21.71 -8.69 2.66
N PHE A 744 20.89 -7.82 3.29
CA PHE A 744 21.18 -6.93 4.42
C PHE A 744 22.16 -5.78 4.12
N ILE A 745 22.70 -5.72 2.91
CA ILE A 745 23.56 -4.61 2.50
C ILE A 745 22.69 -3.45 2.06
N ARG A 746 23.31 -2.31 1.77
CA ARG A 746 22.59 -1.09 1.35
C ARG A 746 22.31 -1.10 -0.15
N ALA A 747 21.55 -2.10 -0.60
CA ALA A 747 21.17 -2.21 -2.00
C ALA A 747 19.82 -2.92 -2.09
N ALA A 748 19.13 -2.69 -3.21
CA ALA A 748 17.87 -3.37 -3.51
C ALA A 748 18.17 -4.74 -4.12
N GLY A 749 18.52 -5.68 -3.24
CA GLY A 749 19.00 -6.98 -3.67
C GLY A 749 17.94 -7.87 -4.30
N CYS A 750 16.67 -7.68 -3.92
CA CYS A 750 15.59 -8.51 -4.41
C CYS A 750 15.34 -8.30 -5.91
N SER A 751 15.28 -7.02 -6.32
CA SER A 751 15.06 -6.66 -7.72
C SER A 751 16.20 -7.15 -8.60
N GLU A 752 17.43 -7.01 -8.10
CA GLU A 752 18.63 -7.38 -8.83
C GLU A 752 18.73 -8.90 -9.00
N ASN A 753 18.41 -9.64 -7.94
CA ASN A 753 18.48 -11.10 -8.01
C ASN A 753 17.37 -11.68 -8.88
N LEU A 754 16.15 -11.12 -8.80
CA LEU A 754 15.06 -11.59 -9.65
C LEU A 754 15.32 -11.27 -11.12
N LYS A 755 15.84 -10.08 -11.42
CA LYS A 755 16.19 -9.71 -12.79
C LYS A 755 17.34 -10.54 -13.32
N LEU A 756 18.34 -10.84 -12.48
CA LEU A 756 19.47 -11.65 -12.90
C LEU A 756 19.06 -13.08 -13.23
N LEU A 757 18.22 -13.69 -12.37
CA LEU A 757 17.77 -15.05 -12.62
C LEU A 757 16.85 -15.14 -13.83
N GLN A 758 15.96 -14.14 -14.01
CA GLN A 758 15.07 -14.11 -15.17
C GLN A 758 15.85 -13.93 -16.49
N THR A 759 16.86 -13.06 -16.50
CA THR A 759 17.65 -12.85 -17.71
C THR A 759 18.53 -14.06 -18.03
N ILE A 760 19.09 -14.73 -17.01
CA ILE A 760 19.90 -15.94 -17.25
C ILE A 760 19.04 -17.08 -17.79
N ILE A 761 17.84 -17.29 -17.22
CA ILE A 761 16.93 -18.33 -17.70
C ILE A 761 16.44 -18.05 -19.13
N TRP A 762 16.16 -16.78 -19.45
CA TRP A 762 15.76 -16.43 -20.82
C TRP A 762 16.91 -16.57 -21.81
N SER A 763 18.11 -16.14 -21.41
CA SER A 763 19.27 -16.13 -22.31
C SER A 763 19.80 -17.53 -22.58
N ALA A 764 19.68 -18.45 -21.61
CA ALA A 764 20.08 -19.83 -21.85
C ALA A 764 19.17 -20.51 -22.87
N LYS A 765 17.89 -20.15 -22.87
CA LYS A 765 16.96 -20.66 -23.88
C LYS A 765 17.24 -20.05 -25.25
N ARG A 766 17.50 -18.74 -25.29
CA ARG A 766 17.62 -18.06 -26.57
C ARG A 766 18.95 -18.35 -27.28
N GLU A 767 20.03 -18.59 -26.53
CA GLU A 767 21.34 -18.84 -27.13
C GLU A 767 21.65 -20.31 -27.34
N HIS A 768 20.69 -21.21 -27.01
CA HIS A 768 20.83 -22.68 -27.12
C HIS A 768 22.01 -23.22 -26.31
N ARG A 769 22.01 -22.93 -25.00
CA ARG A 769 23.08 -23.34 -24.13
C ARG A 769 22.54 -24.07 -22.90
N PRO A 770 23.25 -25.05 -22.36
CA PRO A 770 22.79 -25.70 -21.13
C PRO A 770 22.95 -24.82 -19.90
N LEU A 771 22.08 -25.06 -18.92
CA LEU A 771 22.03 -24.27 -17.68
C LEU A 771 21.41 -25.10 -16.57
N GLY A 772 22.13 -25.27 -15.46
CA GLY A 772 21.57 -25.88 -14.26
C GLY A 772 21.34 -24.84 -13.18
N VAL A 773 20.18 -24.95 -12.51
CA VAL A 773 19.81 -24.07 -11.41
C VAL A 773 19.43 -24.95 -10.22
N VAL A 774 19.98 -24.65 -9.04
CA VAL A 774 19.65 -25.33 -7.80
C VAL A 774 19.36 -24.26 -6.74
N PHE A 775 18.25 -24.38 -6.04
CA PHE A 775 17.90 -23.50 -4.92
C PHE A 775 18.09 -24.25 -3.62
N VAL A 776 18.83 -23.66 -2.67
CA VAL A 776 18.98 -24.19 -1.32
C VAL A 776 18.84 -23.03 -0.33
N ASP A 777 18.59 -23.38 0.94
CA ASP A 777 18.72 -22.43 2.03
C ASP A 777 19.09 -23.18 3.30
N ILE A 778 19.64 -22.44 4.27
CA ILE A 778 20.14 -23.02 5.51
C ILE A 778 18.99 -23.19 6.50
N ALA A 779 18.97 -24.34 7.19
CA ALA A 779 18.00 -24.60 8.24
C ALA A 779 18.39 -23.92 9.54
N LYS A 780 17.45 -23.15 10.11
CA LYS A 780 17.56 -22.45 11.39
C LYS A 780 18.81 -21.57 11.45
N ALA A 781 18.91 -20.65 10.48
CA ALA A 781 20.19 -20.10 10.03
C ALA A 781 20.91 -19.32 11.12
N PHE A 782 20.18 -18.49 11.86
CA PHE A 782 20.80 -17.72 12.95
C PHE A 782 21.04 -18.59 14.18
N ASP A 783 20.19 -19.59 14.42
CA ASP A 783 20.28 -20.38 15.65
C ASP A 783 21.41 -21.40 15.63
N THR A 784 21.84 -21.85 14.45
CA THR A 784 22.78 -22.96 14.36
C THR A 784 24.24 -22.50 14.28
N VAL A 785 24.49 -21.24 13.91
CA VAL A 785 25.85 -20.77 13.70
C VAL A 785 26.61 -20.67 15.02
N SER A 786 27.80 -21.27 15.04
CA SER A 786 28.61 -21.33 16.24
C SER A 786 29.27 -19.99 16.52
N HIS A 787 29.45 -19.69 17.81
CA HIS A 787 30.19 -18.49 18.21
C HIS A 787 31.65 -18.55 17.77
N GLN A 788 32.26 -19.74 17.83
CA GLN A 788 33.65 -19.89 17.45
C GLN A 788 33.84 -19.78 15.95
N HIS A 789 32.81 -20.11 15.17
CA HIS A 789 32.81 -19.89 13.72
C HIS A 789 32.89 -18.40 13.41
N ILE A 790 32.10 -17.59 14.12
CA ILE A 790 32.08 -16.14 13.94
C ILE A 790 33.40 -15.52 14.37
N ILE A 791 33.94 -15.99 15.51
CA ILE A 791 35.24 -15.51 16.01
C ILE A 791 36.37 -15.86 15.06
N HIS A 792 36.38 -17.09 14.52
CA HIS A 792 37.39 -17.49 13.54
C HIS A 792 37.26 -16.73 12.23
N ALA A 793 36.03 -16.42 11.82
CA ALA A 793 35.82 -15.61 10.63
C ALA A 793 36.30 -14.18 10.84
N LEU A 794 36.15 -13.65 12.05
CA LEU A 794 36.71 -12.34 12.35
C LEU A 794 38.24 -12.37 12.43
N GLN A 795 38.81 -13.46 12.95
CA GLN A 795 40.27 -13.55 13.07
C GLN A 795 40.95 -13.80 11.73
N GLN A 796 40.26 -14.47 10.79
CA GLN A 796 40.80 -14.61 9.43
C GLN A 796 40.93 -13.25 8.73
N ARG A 797 40.02 -12.33 9.02
CA ARG A 797 40.06 -11.00 8.42
C ARG A 797 41.07 -10.07 9.06
N GLU A 798 41.72 -10.49 10.17
CA GLU A 798 42.62 -9.68 11.00
C GLU A 798 41.95 -8.39 11.48
N VAL A 799 40.70 -8.54 11.94
CA VAL A 799 40.02 -7.48 12.66
C VAL A 799 40.76 -7.25 13.98
N ASP A 800 40.76 -5.97 14.44
CA ASP A 800 41.47 -5.48 15.61
C ASP A 800 41.08 -6.28 16.85
N PRO A 801 42.04 -6.87 17.59
CA PRO A 801 41.72 -7.82 18.68
C PRO A 801 40.90 -7.27 19.84
N HIS A 802 40.95 -5.95 20.07
CA HIS A 802 40.08 -5.34 21.07
C HIS A 802 38.62 -5.43 20.64
N ILE A 803 38.36 -5.22 19.35
CA ILE A 803 37.01 -5.28 18.79
C ILE A 803 36.49 -6.73 18.77
N VAL A 804 37.36 -7.69 18.39
CA VAL A 804 37.00 -9.11 18.43
C VAL A 804 36.75 -9.57 19.85
N GLY A 805 37.52 -9.05 20.81
CA GLY A 805 37.26 -9.33 22.22
C GLY A 805 35.93 -8.79 22.70
N LEU A 806 35.57 -7.58 22.23
CA LEU A 806 34.25 -7.00 22.54
C LEU A 806 33.12 -7.83 21.97
N VAL A 807 33.25 -8.27 20.71
CA VAL A 807 32.21 -9.08 20.06
C VAL A 807 32.08 -10.44 20.75
N SER A 808 33.22 -11.03 21.15
CA SER A 808 33.20 -12.28 21.92
C SER A 808 32.58 -12.09 23.30
N ASN A 809 32.84 -10.94 23.93
CA ASN A 809 32.30 -10.67 25.26
C ASN A 809 30.79 -10.43 25.23
N MET A 810 30.27 -9.86 24.14
CA MET A 810 28.84 -9.60 24.06
C MET A 810 28.01 -10.88 23.93
N TYR A 811 28.60 -11.99 23.50
CA TYR A 811 27.92 -13.28 23.45
C TYR A 811 28.39 -14.26 24.52
N GLU A 812 29.02 -13.76 25.58
CA GLU A 812 29.72 -14.65 26.51
C GLU A 812 28.80 -15.27 27.56
N ASN A 813 27.80 -14.54 28.05
CA ASN A 813 26.99 -15.04 29.16
C ASN A 813 25.51 -14.69 29.00
N ILE A 814 25.01 -14.70 27.75
CA ILE A 814 23.61 -14.38 27.50
C ILE A 814 22.70 -15.50 28.02
N SER A 815 21.65 -15.10 28.75
CA SER A 815 20.60 -16.01 29.17
C SER A 815 19.24 -15.34 28.94
N THR A 816 18.21 -16.16 28.77
CA THR A 816 16.89 -15.67 28.36
C THR A 816 15.80 -16.56 28.92
N TYR A 817 14.56 -16.04 28.95
CA TYR A 817 13.40 -16.81 29.39
C TYR A 817 12.26 -16.62 28.40
N ILE A 818 11.47 -17.67 28.19
CA ILE A 818 10.43 -17.69 27.17
C ILE A 818 9.08 -17.37 27.82
N THR A 819 8.36 -16.42 27.25
CA THR A 819 7.01 -16.08 27.71
C THR A 819 5.97 -16.55 26.68
N THR A 820 4.85 -17.07 27.20
CA THR A 820 3.80 -17.72 26.44
C THR A 820 2.56 -17.75 27.33
N LYS A 821 1.39 -18.00 26.71
CA LYS A 821 0.05 -18.02 27.35
C LYS A 821 -0.23 -16.68 28.05
N ARG A 822 0.22 -15.62 27.39
CA ARG A 822 0.12 -14.18 27.62
C ARG A 822 0.93 -13.65 28.81
N ASN A 823 1.13 -14.43 29.87
CA ASN A 823 1.92 -13.94 31.01
C ASN A 823 2.50 -15.12 31.82
N THR A 824 3.01 -16.17 31.18
CA THR A 824 3.64 -17.25 31.94
C THR A 824 5.02 -17.52 31.36
N HIS A 825 5.99 -17.76 32.24
CA HIS A 825 7.40 -17.77 31.86
C HIS A 825 8.03 -19.11 32.20
N THR A 826 9.05 -19.49 31.41
CA THR A 826 9.81 -20.71 31.65
C THR A 826 11.25 -20.31 31.98
N ASP A 827 11.65 -20.61 33.21
CA ASP A 827 12.99 -20.86 33.77
C ASP A 827 14.01 -19.79 33.35
N LYS A 828 15.27 -20.17 33.12
CA LYS A 828 16.26 -19.32 32.48
C LYS A 828 17.27 -20.21 31.78
N ILE A 829 17.43 -20.01 30.48
CA ILE A 829 18.15 -20.92 29.59
C ILE A 829 19.43 -20.24 29.12
N GLN A 830 20.56 -20.91 29.26
CA GLN A 830 21.83 -20.40 28.76
C GLN A 830 21.91 -20.51 27.25
N ILE A 831 22.19 -19.39 26.59
CA ILE A 831 22.36 -19.35 25.15
C ILE A 831 23.84 -19.58 24.86
N ARG A 832 24.16 -20.76 24.33
CA ARG A 832 25.54 -21.12 24.04
C ARG A 832 25.80 -21.39 22.57
N VAL A 833 24.76 -21.35 21.73
CA VAL A 833 24.93 -21.48 20.30
C VAL A 833 23.95 -20.50 19.64
N GLY A 834 24.39 -19.91 18.53
CA GLY A 834 23.52 -19.06 17.76
C GLY A 834 23.48 -17.59 18.16
N VAL A 835 23.22 -16.75 17.17
CA VAL A 835 23.02 -15.32 17.37
C VAL A 835 21.53 -15.07 17.60
N LYS A 836 21.23 -13.97 18.27
CA LYS A 836 19.86 -13.64 18.63
C LYS A 836 19.11 -13.10 17.41
N GLN A 837 17.95 -13.68 17.11
CA GLN A 837 17.09 -13.08 16.11
C GLN A 837 16.39 -11.86 16.70
N GLY A 838 16.75 -10.68 16.21
CA GLY A 838 16.29 -9.43 16.80
C GLY A 838 17.39 -8.59 17.41
N ASP A 839 18.63 -9.02 17.34
CA ASP A 839 19.74 -8.17 17.75
C ASP A 839 20.30 -7.50 16.50
N PRO A 840 20.65 -6.20 16.57
CA PRO A 840 21.12 -5.47 15.38
C PRO A 840 22.40 -5.97 14.72
N MET A 841 23.20 -6.75 15.44
CA MET A 841 24.50 -7.16 14.93
C MET A 841 24.44 -8.50 14.19
N SER A 842 23.41 -9.31 14.48
CA SER A 842 23.31 -10.67 13.96
C SER A 842 23.27 -10.85 12.43
N PRO A 843 22.57 -10.01 11.60
CA PRO A 843 22.73 -10.15 10.14
C PRO A 843 24.15 -9.95 9.62
N LEU A 844 24.90 -9.01 10.20
CA LEU A 844 26.28 -8.79 9.79
C LEU A 844 27.17 -9.97 10.16
N LEU A 845 26.98 -10.53 11.36
CA LEU A 845 27.75 -11.69 11.81
C LEU A 845 27.42 -12.92 10.98
N PHE A 846 26.16 -13.10 10.61
CA PHE A 846 25.79 -14.21 9.73
C PHE A 846 26.37 -14.05 8.33
N ASN A 847 26.42 -12.81 7.82
CA ASN A 847 27.04 -12.56 6.52
C ASN A 847 28.54 -12.82 6.55
N LEU A 848 29.21 -12.44 7.64
CA LEU A 848 30.63 -12.74 7.79
C LEU A 848 30.88 -14.23 7.96
N ALA A 849 29.95 -14.95 8.59
CA ALA A 849 30.10 -16.39 8.71
C ALA A 849 29.87 -17.11 7.38
N MET A 850 28.95 -16.61 6.55
CA MET A 850 28.65 -17.23 5.26
C MET A 850 29.56 -16.77 4.12
N ASP A 851 30.35 -15.72 4.32
CA ASP A 851 31.26 -15.24 3.27
C ASP A 851 32.30 -16.23 2.70
N PRO A 852 33.03 -17.08 3.48
CA PRO A 852 34.00 -17.98 2.82
C PRO A 852 33.40 -19.04 1.91
N LEU A 853 32.14 -19.45 2.14
CA LEU A 853 31.45 -20.35 1.21
C LEU A 853 31.25 -19.71 -0.15
N LEU A 854 30.83 -18.44 -0.17
CA LEU A 854 30.65 -17.72 -1.43
C LEU A 854 31.98 -17.45 -2.11
N CYS A 855 33.02 -17.16 -1.33
CA CYS A 855 34.36 -16.98 -1.90
C CYS A 855 34.90 -18.28 -2.49
N LYS A 856 34.65 -19.41 -1.83
CA LYS A 856 35.05 -20.71 -2.36
C LYS A 856 34.29 -21.08 -3.63
N LEU A 857 32.99 -20.79 -3.68
CA LEU A 857 32.21 -21.04 -4.89
C LEU A 857 32.64 -20.15 -6.05
N GLU A 858 33.06 -18.91 -5.77
CA GLU A 858 33.65 -18.09 -6.83
C GLU A 858 35.02 -18.62 -7.25
N GLU A 859 35.81 -19.10 -6.28
CA GLU A 859 37.19 -19.47 -6.53
C GLU A 859 37.32 -20.78 -7.31
N SER A 860 36.58 -21.82 -6.91
CA SER A 860 36.75 -23.13 -7.49
C SER A 860 35.45 -23.81 -7.90
N GLY A 861 34.34 -23.10 -7.92
CA GLY A 861 33.12 -23.67 -8.45
C GLY A 861 33.04 -23.54 -9.96
N LYS A 862 32.37 -24.51 -10.58
CA LYS A 862 32.21 -24.52 -12.03
C LYS A 862 30.92 -23.78 -12.37
N GLY A 863 31.05 -22.50 -12.70
CA GLY A 863 29.89 -21.65 -12.91
C GLY A 863 29.35 -21.70 -14.32
N TYR A 864 28.44 -20.76 -14.58
CA TYR A 864 27.84 -20.54 -15.90
C TYR A 864 28.44 -19.26 -16.47
N HIS A 865 28.94 -19.34 -17.70
CA HIS A 865 29.73 -18.26 -18.29
C HIS A 865 28.89 -17.38 -19.20
N ARG A 866 29.36 -16.14 -19.39
CA ARG A 866 28.94 -15.30 -20.50
C ARG A 866 30.09 -14.36 -20.81
N GLY A 867 30.69 -14.53 -21.99
CA GLY A 867 31.90 -13.80 -22.32
C GLY A 867 33.04 -14.24 -21.44
N GLN A 868 33.73 -13.27 -20.85
CA GLN A 868 34.84 -13.57 -19.96
C GLN A 868 34.41 -13.83 -18.52
N SER A 869 33.19 -13.46 -18.15
CA SER A 869 32.73 -13.54 -16.77
C SER A 869 31.96 -14.82 -16.50
N SER A 870 31.76 -15.10 -15.21
CA SER A 870 31.04 -16.29 -14.78
C SER A 870 30.31 -16.01 -13.48
N ILE A 871 29.17 -16.68 -13.29
CA ILE A 871 28.41 -16.65 -12.05
C ILE A 871 28.24 -18.08 -11.57
N THR A 872 28.73 -18.36 -10.37
CA THR A 872 28.53 -19.64 -9.71
C THR A 872 27.46 -19.58 -8.64
N ALA A 873 27.37 -18.47 -7.92
CA ALA A 873 26.51 -18.37 -6.75
C ALA A 873 25.76 -17.03 -6.77
N MET A 874 24.56 -17.04 -6.21
CA MET A 874 23.82 -15.84 -5.87
C MET A 874 23.31 -15.99 -4.45
N ALA A 875 23.35 -14.90 -3.68
CA ALA A 875 22.96 -14.99 -2.28
C ALA A 875 22.04 -13.83 -1.93
N PHE A 876 21.03 -14.14 -1.11
CA PHE A 876 20.24 -13.14 -0.40
C PHE A 876 20.00 -13.78 0.97
N ALA A 877 20.74 -13.31 1.99
CA ALA A 877 20.79 -13.85 3.35
C ALA A 877 21.18 -15.32 3.27
N ASP A 878 20.39 -16.25 3.79
CA ASP A 878 20.70 -17.67 3.76
C ASP A 878 20.21 -18.35 2.49
N ASP A 879 19.47 -17.64 1.64
CA ASP A 879 19.00 -18.20 0.38
C ASP A 879 20.15 -18.19 -0.63
N LEU A 880 20.46 -19.36 -1.20
CA LEU A 880 21.58 -19.52 -2.11
C LEU A 880 21.10 -20.19 -3.39
N VAL A 881 21.52 -19.66 -4.53
CA VAL A 881 21.23 -20.24 -5.85
C VAL A 881 22.57 -20.62 -6.49
N LEU A 882 22.67 -21.85 -6.97
CA LEU A 882 23.85 -22.35 -7.64
C LEU A 882 23.60 -22.49 -9.13
N LEU A 883 24.55 -22.03 -9.93
CA LEU A 883 24.47 -22.11 -11.38
C LEU A 883 25.61 -22.94 -11.92
N SER A 884 25.35 -23.65 -13.01
CA SER A 884 26.34 -24.52 -13.63
C SER A 884 26.12 -24.55 -15.13
N ASP A 885 27.20 -24.79 -15.86
CA ASP A 885 27.15 -24.89 -17.31
C ASP A 885 26.94 -26.31 -17.83
N SER A 886 26.85 -27.29 -16.92
CA SER A 886 26.70 -28.70 -17.29
C SER A 886 26.15 -29.42 -16.08
N TRP A 887 25.62 -30.63 -16.31
CA TRP A 887 25.01 -31.40 -15.23
C TRP A 887 26.05 -31.88 -14.22
N GLU A 888 27.20 -32.34 -14.71
CA GLU A 888 28.23 -32.89 -13.83
C GLU A 888 28.93 -31.80 -13.03
N ASN A 889 28.88 -30.55 -13.51
CA ASN A 889 29.49 -29.42 -12.80
C ASN A 889 28.72 -29.06 -11.53
N MET A 890 27.41 -29.32 -11.53
CA MET A 890 26.61 -29.06 -10.33
C MET A 890 26.97 -30.03 -9.20
N ASN A 891 27.49 -31.22 -9.52
CA ASN A 891 27.99 -32.11 -8.48
C ASN A 891 29.24 -31.56 -7.81
N THR A 892 30.08 -30.84 -8.55
CA THR A 892 31.22 -30.14 -7.96
C THR A 892 30.75 -29.04 -7.01
N ASN A 893 29.78 -28.23 -7.46
CA ASN A 893 29.22 -27.15 -6.62
C ASN A 893 28.54 -27.70 -5.36
N ILE A 894 27.79 -28.79 -5.51
CA ILE A 894 27.10 -29.44 -4.40
C ILE A 894 28.09 -30.03 -3.41
N SER A 895 29.18 -30.64 -3.90
CA SER A 895 30.19 -31.18 -2.98
C SER A 895 30.96 -30.09 -2.23
N ILE A 896 31.14 -28.91 -2.85
CA ILE A 896 31.68 -27.76 -2.11
C ILE A 896 30.73 -27.35 -0.98
N LEU A 897 29.42 -27.33 -1.27
CA LEU A 897 28.43 -27.01 -0.23
C LEU A 897 28.37 -28.07 0.86
N GLU A 898 28.49 -29.36 0.49
CA GLU A 898 28.56 -30.46 1.45
C GLU A 898 29.79 -30.36 2.36
N THR A 899 30.94 -30.01 1.79
CA THR A 899 32.16 -29.82 2.58
C THR A 899 32.01 -28.67 3.56
N PHE A 900 31.39 -27.55 3.14
CA PHE A 900 31.19 -26.43 4.05
C PHE A 900 30.18 -26.76 5.16
N CYS A 901 29.11 -27.48 4.84
CA CYS A 901 28.14 -27.89 5.86
C CYS A 901 28.73 -28.90 6.84
N ASN A 902 29.65 -29.75 6.37
CA ASN A 902 30.31 -30.66 7.30
C ASN A 902 31.32 -29.95 8.19
N LEU A 903 32.04 -28.94 7.65
CA LEU A 903 33.02 -28.23 8.48
C LEU A 903 32.35 -27.31 9.50
N THR A 904 31.31 -26.57 9.11
CA THR A 904 30.76 -25.59 10.03
C THR A 904 29.60 -26.11 10.86
N GLY A 905 29.06 -27.28 10.53
CA GLY A 905 27.96 -27.83 11.29
C GLY A 905 26.59 -27.34 10.87
N LEU A 906 26.50 -26.59 9.77
CA LEU A 906 25.21 -26.13 9.26
C LEU A 906 24.50 -27.27 8.52
N LYS A 907 23.26 -26.99 8.11
CA LYS A 907 22.39 -28.00 7.52
C LYS A 907 21.48 -27.27 6.53
N THR A 908 21.00 -27.98 5.51
CA THR A 908 20.07 -27.42 4.53
C THR A 908 18.67 -27.96 4.76
N GLN A 909 17.67 -27.08 4.62
CA GLN A 909 16.27 -27.48 4.68
C GLN A 909 15.91 -28.31 3.46
N GLY A 910 15.64 -29.61 3.67
CA GLY A 910 15.28 -30.48 2.57
C GLY A 910 13.94 -30.16 1.94
N GLN A 911 13.03 -29.55 2.70
CA GLN A 911 11.74 -29.12 2.16
C GLN A 911 11.88 -27.98 1.17
N LYS A 912 12.95 -27.20 1.25
CA LYS A 912 13.13 -26.05 0.37
C LYS A 912 14.32 -26.17 -0.58
N CYS A 913 14.78 -27.40 -0.87
CA CYS A 913 15.77 -27.63 -1.91
C CYS A 913 15.08 -28.10 -3.19
N HIS A 914 15.24 -27.33 -4.26
CA HIS A 914 14.62 -27.57 -5.56
C HIS A 914 15.68 -27.41 -6.63
N GLY A 915 15.35 -27.84 -7.86
CA GLY A 915 16.26 -27.57 -8.97
C GLY A 915 15.66 -27.96 -10.31
N PHE A 916 16.30 -27.49 -11.37
CA PHE A 916 15.96 -27.90 -12.73
C PHE A 916 17.18 -27.80 -13.63
N TYR A 917 17.14 -28.53 -14.74
CA TYR A 917 18.22 -28.58 -15.72
C TYR A 917 17.65 -28.36 -17.12
N ILE A 918 18.26 -27.44 -17.86
CA ILE A 918 17.85 -27.10 -19.22
C ILE A 918 18.89 -27.61 -20.19
N LYS A 919 18.46 -28.38 -21.20
CA LYS A 919 19.35 -29.04 -22.13
C LYS A 919 18.94 -28.67 -23.56
N PRO A 920 19.84 -28.14 -24.39
CA PRO A 920 19.42 -27.68 -25.71
C PRO A 920 19.20 -28.82 -26.69
N THR A 921 18.32 -28.55 -27.67
CA THR A 921 18.07 -29.42 -28.79
C THR A 921 18.14 -28.59 -30.08
N LYS A 922 17.77 -29.23 -31.19
CA LYS A 922 17.84 -28.60 -32.50
C LYS A 922 16.87 -27.42 -32.59
N ASP A 923 15.61 -27.65 -32.26
CA ASP A 923 14.66 -26.58 -32.01
C ASP A 923 14.27 -26.61 -30.55
N SER A 924 14.43 -25.47 -29.88
CA SER A 924 14.11 -25.22 -28.45
C SER A 924 14.91 -26.19 -27.55
N TYR A 925 14.34 -26.72 -26.47
CA TYR A 925 15.08 -27.26 -25.34
C TYR A 925 14.21 -28.29 -24.62
N THR A 926 14.84 -29.08 -23.78
CA THR A 926 14.15 -30.02 -22.89
C THR A 926 14.49 -29.70 -21.45
N ILE A 927 13.60 -30.07 -20.54
CA ILE A 927 13.77 -29.82 -19.11
C ILE A 927 13.78 -31.16 -18.37
N ASN A 928 14.82 -31.37 -17.55
CA ASN A 928 15.00 -32.53 -16.66
C ASN A 928 15.03 -33.86 -17.40
N ASP A 929 15.81 -33.92 -18.48
CA ASP A 929 16.15 -35.20 -19.11
C ASP A 929 17.45 -35.74 -18.51
N CYS A 930 17.40 -36.00 -17.20
CA CYS A 930 18.58 -36.36 -16.42
C CYS A 930 18.13 -36.97 -15.11
N ALA A 931 19.11 -37.47 -14.35
CA ALA A 931 18.87 -37.89 -12.98
C ALA A 931 18.85 -36.69 -12.04
N ALA A 932 18.11 -36.83 -10.94
CA ALA A 932 18.06 -35.80 -9.92
C ALA A 932 19.38 -35.73 -9.15
N TRP A 933 19.79 -34.52 -8.80
CA TRP A 933 20.95 -34.34 -7.93
C TRP A 933 20.62 -34.72 -6.50
N THR A 934 21.64 -35.12 -5.74
CA THR A 934 21.50 -35.49 -4.34
C THR A 934 22.35 -34.58 -3.49
N ILE A 935 21.73 -33.95 -2.49
CA ILE A 935 22.44 -33.18 -1.46
C ILE A 935 22.20 -33.87 -0.14
N ASN A 936 23.29 -34.28 0.52
CA ASN A 936 23.31 -35.08 1.75
C ASN A 936 22.51 -36.37 1.61
N GLY A 937 22.70 -37.03 0.46
CA GLY A 937 22.04 -38.32 0.20
C GLY A 937 20.65 -38.27 -0.37
N THR A 938 19.78 -37.45 0.18
CA THR A 938 18.40 -37.38 -0.29
C THR A 938 18.31 -36.67 -1.64
N PRO A 939 17.51 -37.19 -2.57
CA PRO A 939 17.38 -36.53 -3.87
C PRO A 939 16.52 -35.27 -3.80
N LEU A 940 16.79 -34.36 -4.73
CA LEU A 940 16.09 -33.08 -4.78
C LEU A 940 14.74 -33.20 -5.48
N ASN A 941 13.88 -32.23 -5.19
CA ASN A 941 12.62 -32.06 -5.92
C ASN A 941 12.91 -31.36 -7.24
N MET A 942 12.89 -32.10 -8.34
CA MET A 942 13.08 -31.51 -9.64
C MET A 942 11.78 -30.86 -10.12
N ILE A 943 11.85 -29.58 -10.45
CA ILE A 943 10.67 -28.81 -10.82
C ILE A 943 10.31 -29.11 -12.27
N ASP A 944 9.23 -29.74 -12.46
CA ASP A 944 8.74 -30.12 -13.78
C ASP A 944 7.99 -28.94 -14.41
N PRO A 945 7.91 -28.90 -15.75
CA PRO A 945 7.17 -27.83 -16.44
C PRO A 945 5.69 -27.74 -16.06
N GLY A 946 5.21 -26.51 -15.96
CA GLY A 946 3.87 -26.23 -15.47
C GLY A 946 3.77 -26.03 -13.98
N GLU A 947 4.76 -26.46 -13.21
CA GLU A 947 4.78 -26.28 -11.76
C GLU A 947 5.87 -25.29 -11.37
N SER A 948 5.73 -24.72 -10.17
CA SER A 948 6.60 -23.62 -9.78
C SER A 948 6.83 -23.65 -8.27
N GLU A 949 7.97 -23.08 -7.87
CA GLU A 949 8.35 -22.95 -6.47
C GLU A 949 8.75 -21.52 -6.17
N LYS A 950 8.60 -21.14 -4.90
CA LYS A 950 8.83 -19.76 -4.49
C LYS A 950 10.32 -19.41 -4.46
N TYR A 951 10.63 -18.21 -4.91
CA TYR A 951 11.95 -17.60 -4.75
C TYR A 951 11.75 -16.11 -4.57
N LEU A 952 12.06 -15.60 -3.37
CA LEU A 952 11.94 -14.18 -2.97
C LEU A 952 10.52 -13.63 -3.18
N GLY A 953 9.50 -14.45 -2.92
CA GLY A 953 8.12 -14.05 -3.00
C GLY A 953 7.44 -14.35 -4.33
N LEU A 954 8.16 -14.21 -5.44
CA LEU A 954 7.65 -14.60 -6.75
C LEU A 954 7.80 -16.10 -6.95
N GLN A 955 7.25 -16.60 -8.05
CA GLN A 955 7.32 -18.02 -8.37
C GLN A 955 8.03 -18.22 -9.70
N PHE A 956 8.92 -19.21 -9.76
CA PHE A 956 9.65 -19.51 -10.98
C PHE A 956 9.23 -20.87 -11.54
N ASP A 957 8.86 -20.87 -12.81
CA ASP A 957 8.48 -22.06 -13.57
C ASP A 957 9.54 -22.19 -14.64
N PRO A 958 10.14 -23.37 -14.85
CA PRO A 958 11.16 -23.54 -15.90
C PRO A 958 10.66 -23.32 -17.32
N TRP A 959 9.35 -23.45 -17.55
CA TRP A 959 8.79 -23.34 -18.90
C TRP A 959 8.72 -21.91 -19.39
N ILE A 960 8.39 -20.94 -18.54
CA ILE A 960 8.06 -19.59 -19.00
C ILE A 960 8.86 -18.51 -18.29
N GLY A 961 9.58 -18.87 -17.23
CA GLY A 961 10.24 -17.87 -16.41
C GLY A 961 9.40 -17.56 -15.18
N ILE A 962 9.20 -16.28 -14.90
CA ILE A 962 8.39 -15.87 -13.75
C ILE A 962 6.92 -16.16 -14.05
N ALA A 963 6.27 -16.91 -13.17
CA ALA A 963 5.02 -17.59 -13.45
C ALA A 963 3.83 -16.63 -13.45
N ARG A 964 2.67 -17.21 -13.75
CA ARG A 964 1.38 -16.50 -13.74
C ARG A 964 1.07 -15.92 -12.37
N SER A 965 0.62 -14.67 -12.35
CA SER A 965 0.62 -13.88 -11.12
C SER A 965 -0.47 -14.33 -10.14
N GLY A 966 -1.68 -14.59 -10.63
CA GLY A 966 -2.77 -14.88 -9.71
C GLY A 966 -3.27 -13.70 -8.91
N LEU A 967 -3.03 -12.47 -9.37
CA LEU A 967 -3.47 -11.28 -8.63
C LEU A 967 -4.99 -11.13 -8.64
N SER A 968 -5.64 -11.65 -9.69
CA SER A 968 -7.08 -11.48 -9.87
C SER A 968 -7.90 -12.20 -8.80
N THR A 969 -7.51 -13.44 -8.47
CA THR A 969 -8.21 -14.22 -7.44
C THR A 969 -8.03 -13.60 -6.06
N LYS A 970 -6.82 -13.11 -5.78
CA LYS A 970 -6.55 -12.41 -4.52
C LYS A 970 -7.36 -11.12 -4.41
N LEU A 971 -7.49 -10.38 -5.51
CA LEU A 971 -8.25 -9.14 -5.47
C LEU A 971 -9.75 -9.41 -5.29
N ASP A 972 -10.27 -10.45 -5.94
CA ASP A 972 -11.68 -10.85 -5.77
C ASP A 972 -11.97 -11.27 -4.34
N PHE A 973 -11.06 -12.05 -3.76
CA PHE A 973 -11.19 -12.54 -2.39
C PHE A 973 -11.13 -11.41 -1.37
N TRP A 974 -10.20 -10.47 -1.57
CA TRP A 974 -10.08 -9.33 -0.66
C TRP A 974 -11.25 -8.36 -0.79
N LEU A 975 -11.76 -8.11 -2.01
CA LEU A 975 -12.93 -7.23 -2.15
C LEU A 975 -14.18 -7.84 -1.54
N GLN A 976 -14.34 -9.18 -1.64
CA GLN A 976 -15.47 -9.83 -0.98
C GLN A 976 -15.36 -9.78 0.54
N ARG A 977 -14.15 -9.96 1.09
CA ARG A 977 -14.01 -9.90 2.55
C ARG A 977 -14.12 -8.49 3.10
N ILE A 978 -13.71 -7.47 2.33
CA ILE A 978 -13.97 -6.09 2.76
C ILE A 978 -15.45 -5.79 2.69
N ASP A 979 -16.16 -6.32 1.69
CA ASP A 979 -17.58 -6.07 1.56
C ASP A 979 -18.40 -6.74 2.66
N GLN A 980 -17.98 -7.93 3.11
CA GLN A 980 -18.75 -8.62 4.15
C GLN A 980 -18.41 -8.22 5.57
N ALA A 981 -17.55 -7.21 5.78
CA ALA A 981 -17.29 -6.69 7.11
C ALA A 981 -18.43 -5.78 7.58
N PRO A 982 -18.69 -5.70 8.90
CA PRO A 982 -19.68 -4.72 9.38
C PRO A 982 -19.12 -3.31 9.55
N LEU A 983 -18.84 -2.66 8.43
CA LEU A 983 -18.25 -1.33 8.40
C LEU A 983 -19.10 -0.37 7.58
N LYS A 984 -18.92 0.91 7.84
CA LYS A 984 -19.51 1.98 7.03
C LYS A 984 -18.80 2.06 5.68
N PRO A 985 -19.45 2.64 4.64
CA PRO A 985 -18.86 2.62 3.29
C PRO A 985 -17.52 3.35 3.11
N LEU A 986 -17.33 4.54 3.70
CA LEU A 986 -16.02 5.18 3.59
C LEU A 986 -14.97 4.50 4.45
N GLN A 987 -15.37 3.77 5.49
CA GLN A 987 -14.44 2.94 6.23
C GLN A 987 -13.95 1.76 5.40
N LYS A 988 -14.86 1.14 4.64
CA LYS A 988 -14.51 0.10 3.67
C LYS A 988 -13.58 0.63 2.59
N THR A 989 -13.87 1.84 2.11
CA THR A 989 -13.03 2.50 1.11
C THR A 989 -11.64 2.79 1.66
N ASP A 990 -11.55 3.12 2.95
CA ASP A 990 -10.24 3.35 3.57
C ASP A 990 -9.45 2.05 3.76
N ILE A 991 -10.13 0.95 4.11
CA ILE A 991 -9.48 -0.36 4.20
C ILE A 991 -8.92 -0.80 2.84
N LEU A 992 -9.68 -0.56 1.77
CA LEU A 992 -9.16 -0.86 0.43
C LEU A 992 -8.04 0.10 0.03
N LYS A 993 -8.20 1.39 0.36
CA LYS A 993 -7.28 2.45 -0.07
C LYS A 993 -5.89 2.30 0.55
N THR A 994 -5.82 2.14 1.86
CA THR A 994 -4.54 2.26 2.55
C THR A 994 -3.83 0.91 2.70
N TYR A 995 -4.56 -0.16 2.92
CA TYR A 995 -3.97 -1.43 3.34
C TYR A 995 -4.02 -2.52 2.29
N THR A 996 -5.11 -2.61 1.51
CA THR A 996 -5.30 -3.72 0.60
C THR A 996 -4.53 -3.53 -0.70
N ILE A 997 -4.60 -2.34 -1.30
CA ILE A 997 -3.96 -2.09 -2.61
C ILE A 997 -2.42 -2.16 -2.56
N PRO A 998 -1.67 -1.60 -1.51
CA PRO A 998 -0.22 -1.82 -1.48
C PRO A 998 0.31 -3.25 -1.41
N ARG A 999 -0.54 -4.24 -1.11
CA ARG A 999 -0.12 -5.63 -1.12
C ARG A 999 0.12 -6.17 -2.54
N LEU A 1000 -0.43 -5.50 -3.57
CA LEU A 1000 -0.30 -5.97 -4.94
C LEU A 1000 0.98 -5.48 -5.62
N ILE A 1001 1.57 -4.40 -5.10
CA ILE A 1001 2.51 -3.57 -5.86
C ILE A 1001 3.84 -4.30 -6.07
N TYR A 1002 4.31 -5.05 -5.07
CA TYR A 1002 5.57 -5.78 -5.19
C TYR A 1002 5.51 -6.88 -6.25
N ILE A 1003 4.44 -7.67 -6.22
CA ILE A 1003 4.27 -8.75 -7.19
C ILE A 1003 4.00 -8.20 -8.58
N ALA A 1004 3.18 -7.15 -8.69
CA ALA A 1004 2.90 -6.54 -9.99
C ALA A 1004 4.11 -5.82 -10.58
N ASP A 1005 5.01 -5.33 -9.72
CA ASP A 1005 6.24 -4.70 -10.19
C ASP A 1005 7.19 -5.77 -10.73
N HIS A 1006 7.54 -6.76 -9.90
CA HIS A 1006 8.64 -7.65 -10.27
C HIS A 1006 8.27 -8.74 -11.27
N SER A 1007 6.99 -9.05 -11.46
CA SER A 1007 6.64 -10.01 -12.50
C SER A 1007 6.36 -9.35 -13.84
N GLU A 1008 6.44 -8.02 -13.89
CA GLU A 1008 6.33 -7.19 -15.11
C GLU A 1008 4.98 -7.38 -15.82
N VAL A 1009 3.91 -7.12 -15.07
CA VAL A 1009 2.56 -7.26 -15.58
C VAL A 1009 2.27 -6.16 -16.61
N LYS A 1010 1.76 -6.58 -17.77
CA LYS A 1010 1.35 -5.64 -18.81
C LYS A 1010 -0.06 -5.11 -18.56
N THR A 1011 -0.48 -4.20 -19.44
CA THR A 1011 -1.52 -3.21 -19.14
C THR A 1011 -2.92 -3.83 -19.02
N ALA A 1012 -3.19 -4.92 -19.77
CA ALA A 1012 -4.55 -5.49 -19.84
C ALA A 1012 -5.02 -6.05 -18.49
N LEU A 1013 -4.14 -6.74 -17.77
CA LEU A 1013 -4.47 -7.25 -16.45
C LEU A 1013 -4.58 -6.11 -15.43
N LEU A 1014 -3.76 -5.07 -15.60
CA LEU A 1014 -3.83 -3.88 -14.75
C LEU A 1014 -5.16 -3.16 -14.88
N GLU A 1015 -5.65 -3.00 -16.10
CA GLU A 1015 -6.94 -2.36 -16.29
C GLU A 1015 -8.11 -3.27 -15.93
N THR A 1016 -7.93 -4.60 -15.98
CA THR A 1016 -8.93 -5.51 -15.43
C THR A 1016 -9.06 -5.35 -13.91
N LEU A 1017 -7.91 -5.27 -13.21
CA LEU A 1017 -7.93 -5.06 -11.77
C LEU A 1017 -8.47 -3.67 -11.40
N ASP A 1018 -8.15 -2.67 -12.22
CA ASP A 1018 -8.69 -1.32 -12.03
C ASP A 1018 -10.21 -1.27 -12.20
N GLN A 1019 -10.73 -1.99 -13.20
CA GLN A 1019 -12.16 -2.08 -13.41
C GLN A 1019 -12.86 -2.74 -12.23
N LYS A 1020 -12.27 -3.83 -11.70
CA LYS A 1020 -12.85 -4.52 -10.54
C LYS A 1020 -12.85 -3.63 -9.30
N ILE A 1021 -11.75 -2.90 -9.08
CA ILE A 1021 -11.62 -1.99 -7.95
C ILE A 1021 -12.66 -0.88 -8.01
N ARG A 1022 -12.78 -0.20 -9.17
CA ARG A 1022 -13.69 0.94 -9.22
C ARG A 1022 -15.16 0.53 -9.29
N THR A 1023 -15.48 -0.66 -9.81
CA THR A 1023 -16.84 -1.18 -9.67
C THR A 1023 -17.18 -1.50 -8.21
N ALA A 1024 -16.22 -2.04 -7.45
CA ALA A 1024 -16.44 -2.28 -6.02
C ALA A 1024 -16.62 -0.98 -5.24
N VAL A 1025 -15.79 0.03 -5.53
CA VAL A 1025 -15.88 1.32 -4.84
C VAL A 1025 -17.18 2.05 -5.18
N LYS A 1026 -17.58 2.05 -6.44
CA LYS A 1026 -18.82 2.73 -6.83
C LYS A 1026 -20.06 1.97 -6.34
N GLU A 1027 -19.97 0.66 -6.13
CA GLU A 1027 -21.11 -0.03 -5.51
C GLU A 1027 -21.13 0.12 -3.99
N TRP A 1028 -19.99 0.37 -3.35
CA TRP A 1028 -20.02 0.64 -1.90
C TRP A 1028 -20.64 1.99 -1.57
N LEU A 1029 -20.32 3.01 -2.35
CA LEU A 1029 -20.68 4.39 -2.01
C LEU A 1029 -22.00 4.82 -2.63
N HIS A 1030 -22.71 3.90 -3.29
CA HIS A 1030 -24.01 4.13 -3.96
C HIS A 1030 -23.94 5.22 -5.01
N LEU A 1031 -22.82 5.30 -5.72
CA LEU A 1031 -22.61 6.15 -6.87
C LEU A 1031 -23.18 5.48 -8.12
N PRO A 1032 -23.66 6.28 -9.07
CA PRO A 1032 -24.05 5.71 -10.37
C PRO A 1032 -22.86 5.16 -11.11
N PRO A 1033 -23.07 4.18 -12.00
CA PRO A 1033 -21.96 3.69 -12.85
C PRO A 1033 -21.37 4.73 -13.79
N CYS A 1034 -22.12 5.78 -14.14
CA CYS A 1034 -21.63 6.83 -15.02
C CYS A 1034 -20.82 7.90 -14.29
N THR A 1035 -20.56 7.74 -12.99
CA THR A 1035 -19.74 8.69 -12.25
C THR A 1035 -18.30 8.63 -12.75
N CYS A 1036 -17.68 9.81 -12.88
CA CYS A 1036 -16.34 9.94 -13.42
C CYS A 1036 -15.30 9.26 -12.54
N ASP A 1037 -14.20 8.83 -13.18
CA ASP A 1037 -13.14 8.12 -12.48
C ASP A 1037 -12.34 9.04 -11.57
N ALA A 1038 -12.36 10.34 -11.85
CA ALA A 1038 -11.44 11.25 -11.19
C ALA A 1038 -11.87 11.62 -9.79
N ILE A 1039 -13.14 11.41 -9.41
CA ILE A 1039 -13.48 11.54 -8.00
C ILE A 1039 -12.85 10.41 -7.20
N LEU A 1040 -12.69 9.23 -7.81
CA LEU A 1040 -12.02 8.12 -7.14
C LEU A 1040 -10.51 8.33 -7.13
N TYR A 1041 -9.94 8.81 -8.22
CA TYR A 1041 -8.49 8.81 -8.37
C TYR A 1041 -7.75 10.08 -7.97
N SER A 1042 -8.39 11.24 -7.87
CA SER A 1042 -7.65 12.44 -7.47
C SER A 1042 -7.24 12.40 -6.01
N SER A 1043 -6.27 13.25 -5.65
CA SER A 1043 -5.76 13.33 -4.29
C SER A 1043 -6.84 13.87 -3.35
N THR A 1044 -6.68 13.58 -2.06
CA THR A 1044 -7.67 14.00 -1.07
C THR A 1044 -7.67 15.52 -0.90
N ARG A 1045 -6.51 16.17 -1.08
CA ARG A 1045 -6.52 17.63 -1.11
C ARG A 1045 -6.97 18.20 -2.44
N ASP A 1046 -7.15 17.38 -3.48
CA ASP A 1046 -7.77 17.82 -4.72
C ASP A 1046 -9.29 17.72 -4.70
N GLY A 1047 -9.88 17.19 -3.64
CA GLY A 1047 -11.30 16.92 -3.60
C GLY A 1047 -11.70 15.51 -3.95
N GLY A 1048 -10.74 14.61 -4.09
CA GLY A 1048 -11.00 13.21 -4.40
C GLY A 1048 -10.85 12.29 -3.20
N LEU A 1049 -10.96 10.99 -3.48
CA LEU A 1049 -10.88 9.97 -2.45
C LEU A 1049 -9.48 9.39 -2.26
N GLY A 1050 -8.58 9.57 -3.22
CA GLY A 1050 -7.21 9.10 -3.08
C GLY A 1050 -6.99 7.63 -3.36
N ILE A 1051 -7.90 6.98 -4.09
CA ILE A 1051 -7.72 5.58 -4.47
C ILE A 1051 -6.72 5.49 -5.63
N THR A 1052 -5.87 4.47 -5.57
CA THR A 1052 -4.71 4.34 -6.46
C THR A 1052 -5.09 3.67 -7.77
N LYS A 1053 -4.78 4.33 -8.89
CA LYS A 1053 -4.93 3.77 -10.23
C LYS A 1053 -3.72 2.89 -10.53
N LEU A 1054 -3.96 1.59 -10.76
CA LEU A 1054 -2.86 0.65 -11.00
C LEU A 1054 -2.21 0.89 -12.36
N ALA A 1055 -3.00 1.19 -13.39
CA ALA A 1055 -2.48 1.39 -14.74
C ALA A 1055 -1.70 2.68 -14.89
N GLY A 1056 -1.76 3.59 -13.92
CA GLY A 1056 -0.89 4.75 -13.91
C GLY A 1056 0.35 4.53 -13.06
N LEU A 1057 0.16 3.93 -11.88
CA LEU A 1057 1.27 3.80 -10.93
C LEU A 1057 2.28 2.74 -11.37
N ILE A 1058 1.79 1.56 -11.78
CA ILE A 1058 2.68 0.39 -11.96
C ILE A 1058 3.75 0.54 -13.07
N PRO A 1059 3.43 1.06 -14.29
CA PRO A 1059 4.54 1.27 -15.27
C PRO A 1059 5.63 2.25 -14.86
N SER A 1060 5.30 3.27 -14.06
CA SER A 1060 6.34 4.16 -13.56
C SER A 1060 7.20 3.49 -12.50
N VAL A 1061 6.62 2.59 -11.70
CA VAL A 1061 7.39 1.81 -10.72
C VAL A 1061 8.31 0.82 -11.42
N GLN A 1062 7.83 0.18 -12.49
CA GLN A 1062 8.66 -0.74 -13.28
C GLN A 1062 9.80 0.00 -14.00
N ALA A 1063 9.51 1.17 -14.57
CA ALA A 1063 10.54 1.98 -15.23
C ALA A 1063 11.61 2.46 -14.25
N ARG A 1064 11.19 2.89 -13.06
CA ARG A 1064 12.14 3.28 -12.02
C ARG A 1064 12.94 2.09 -11.51
N ARG A 1065 12.34 0.88 -11.49
CA ARG A 1065 13.06 -0.32 -11.11
C ARG A 1065 14.17 -0.65 -12.11
N LEU A 1066 13.87 -0.53 -13.40
CA LEU A 1066 14.89 -0.77 -14.44
C LEU A 1066 16.01 0.26 -14.36
N HIS A 1067 15.67 1.52 -14.10
CA HIS A 1067 16.69 2.55 -13.93
C HIS A 1067 17.53 2.30 -12.66
N ARG A 1068 16.89 1.80 -11.60
CA ARG A 1068 17.59 1.43 -10.37
C ARG A 1068 18.55 0.27 -10.57
N ILE A 1069 18.15 -0.74 -11.34
CA ILE A 1069 19.01 -1.89 -11.62
C ILE A 1069 20.19 -1.49 -12.51
N ALA A 1070 19.94 -0.61 -13.49
CA ALA A 1070 20.99 -0.21 -14.44
C ALA A 1070 22.10 0.62 -13.80
N GLN A 1071 21.80 1.38 -12.75
CA GLN A 1071 22.80 2.11 -11.96
C GLN A 1071 23.28 1.37 -10.71
N SER A 1072 23.17 0.05 -10.66
CA SER A 1072 23.69 -0.71 -9.52
C SER A 1072 25.22 -0.73 -9.52
N SER A 1073 25.79 -0.80 -8.32
CA SER A 1073 27.23 -0.86 -8.15
C SER A 1073 27.83 -2.23 -8.49
N ASP A 1074 27.00 -3.25 -8.66
CA ASP A 1074 27.44 -4.62 -8.93
C ASP A 1074 27.83 -4.65 -10.40
N ASP A 1075 29.15 -4.63 -10.66
CA ASP A 1075 29.66 -4.57 -12.03
C ASP A 1075 29.55 -5.90 -12.77
N THR A 1076 29.46 -7.03 -12.06
CA THR A 1076 29.37 -8.32 -12.72
C THR A 1076 27.94 -8.64 -13.16
N MET A 1077 26.97 -8.18 -12.36
CA MET A 1077 25.56 -8.37 -12.71
C MET A 1077 25.18 -7.60 -13.97
N LYS A 1078 25.75 -6.40 -14.16
CA LYS A 1078 25.47 -5.61 -15.34
C LYS A 1078 26.06 -6.21 -16.62
N CYS A 1079 27.08 -7.06 -16.52
CA CYS A 1079 27.62 -7.73 -17.70
C CYS A 1079 26.74 -8.87 -18.16
N PHE A 1080 25.89 -9.42 -17.29
CA PHE A 1080 24.91 -10.42 -17.65
C PHE A 1080 23.56 -9.83 -18.03
N MET A 1081 23.38 -8.52 -17.87
CA MET A 1081 22.16 -7.86 -18.31
C MET A 1081 22.08 -7.76 -19.83
N GLU A 1082 20.88 -7.96 -20.34
CA GLU A 1082 20.56 -7.81 -21.75
C GLU A 1082 20.27 -6.32 -21.97
N LYS A 1083 21.32 -5.60 -22.41
CA LYS A 1083 21.36 -4.14 -22.42
C LYS A 1083 20.28 -3.52 -23.31
N GLU A 1084 20.14 -4.08 -24.52
CA GLU A 1084 19.23 -3.53 -25.53
C GLU A 1084 17.77 -3.76 -25.16
N LYS A 1085 17.44 -4.92 -24.57
CA LYS A 1085 16.06 -5.19 -24.16
C LYS A 1085 15.66 -4.33 -22.97
N MET A 1086 16.63 -4.06 -22.09
CA MET A 1086 16.38 -3.19 -20.93
C MET A 1086 16.14 -1.75 -21.37
N GLU A 1087 16.91 -1.25 -22.34
CA GLU A 1087 16.69 0.11 -22.85
C GLU A 1087 15.36 0.22 -23.59
N GLN A 1088 15.01 -0.79 -24.41
CA GLN A 1088 13.75 -0.76 -25.15
C GLN A 1088 12.54 -0.88 -24.22
N LEU A 1089 12.64 -1.73 -23.19
CA LEU A 1089 11.56 -1.87 -22.22
C LEU A 1089 11.40 -0.62 -21.36
N HIS A 1090 12.51 0.01 -20.98
CA HIS A 1090 12.45 1.29 -20.26
C HIS A 1090 11.81 2.39 -21.11
N LYS A 1091 12.10 2.40 -22.42
CA LYS A 1091 11.46 3.35 -23.33
C LYS A 1091 9.96 3.13 -23.41
N LYS A 1092 9.53 1.85 -23.52
CA LYS A 1092 8.12 1.52 -23.59
C LYS A 1092 7.38 1.88 -22.30
N LEU A 1093 7.99 1.57 -21.15
CA LEU A 1093 7.36 1.87 -19.87
C LEU A 1093 7.36 3.36 -19.57
N TRP A 1094 8.36 4.09 -20.06
CA TRP A 1094 8.38 5.55 -19.88
C TRP A 1094 7.28 6.21 -20.70
N ILE A 1095 7.11 5.79 -21.96
CA ILE A 1095 6.06 6.35 -22.81
C ILE A 1095 4.68 5.96 -22.30
N GLN A 1096 4.52 4.71 -21.87
CA GLN A 1096 3.20 4.21 -21.49
C GLN A 1096 2.73 4.78 -20.16
N ALA A 1097 3.65 5.20 -19.30
CA ALA A 1097 3.30 5.88 -18.05
C ALA A 1097 2.93 7.35 -18.23
N GLY A 1098 2.93 7.88 -19.44
CA GLY A 1098 2.61 9.28 -19.67
C GLY A 1098 3.80 10.20 -19.75
N GLY A 1099 5.01 9.67 -19.87
CA GLY A 1099 6.18 10.50 -19.96
C GLY A 1099 6.36 11.15 -21.32
N ASP A 1100 7.24 12.13 -21.37
CA ASP A 1100 7.53 12.86 -22.59
C ASP A 1100 8.36 11.96 -23.50
N ARG A 1101 7.93 11.83 -24.76
CA ARG A 1101 8.68 11.05 -25.74
C ARG A 1101 10.05 11.64 -26.05
N GLU A 1102 10.19 12.96 -25.96
CA GLU A 1102 11.39 13.65 -26.42
C GLU A 1102 12.42 13.87 -25.33
N ASN A 1103 12.19 13.39 -24.11
CA ASN A 1103 13.05 13.70 -22.97
C ASN A 1103 13.35 12.46 -22.13
N ILE A 1104 13.46 11.29 -22.78
CA ILE A 1104 13.63 10.01 -22.08
C ILE A 1104 15.03 9.94 -21.48
N PRO A 1105 15.17 9.59 -20.19
CA PRO A 1105 16.50 9.43 -19.59
C PRO A 1105 17.23 8.22 -20.15
N SER A 1106 18.56 8.34 -20.21
CA SER A 1106 19.41 7.19 -20.50
C SER A 1106 19.75 6.47 -19.20
N ILE A 1107 19.44 5.18 -19.13
CA ILE A 1107 19.63 4.44 -17.88
C ILE A 1107 21.04 3.89 -17.71
N TRP A 1108 21.86 3.88 -18.75
CA TRP A 1108 23.22 3.39 -18.62
C TRP A 1108 24.22 4.55 -18.61
N SER A 1124 31.27 14.32 10.27
CA SER A 1124 32.12 13.18 10.00
C SER A 1124 31.30 12.15 9.19
N GLU A 1125 31.92 11.02 8.84
CA GLU A 1125 31.20 9.92 8.19
C GLU A 1125 30.11 9.34 9.08
N TRP A 1126 30.34 9.29 10.39
CA TRP A 1126 29.43 8.63 11.31
C TRP A 1126 28.29 9.54 11.77
N GLU A 1127 28.26 10.79 11.31
CA GLU A 1127 27.22 11.74 11.70
C GLU A 1127 26.35 12.22 10.54
N ALA A 1128 26.82 12.08 9.30
CA ALA A 1128 26.04 12.52 8.14
C ALA A 1128 24.84 11.61 7.92
N PRO A 1129 23.64 12.17 7.71
CA PRO A 1129 22.45 11.33 7.45
C PRO A 1129 22.56 10.55 6.15
N THR A 1130 21.86 9.41 6.11
CA THR A 1130 21.90 8.52 4.96
C THR A 1130 21.27 9.14 3.73
N GLN A 1131 21.87 8.87 2.57
CA GLN A 1131 21.46 9.47 1.31
C GLN A 1131 21.01 8.39 0.34
N LYS A 1132 20.06 8.75 -0.52
CA LYS A 1132 19.58 7.87 -1.58
C LYS A 1132 19.41 8.65 -2.88
N ASP A 1133 19.60 7.96 -3.99
CA ASP A 1133 19.25 8.50 -5.29
C ASP A 1133 17.75 8.39 -5.53
N LYS A 1134 17.18 9.43 -6.12
CA LYS A 1134 15.77 9.44 -6.51
C LYS A 1134 15.71 9.56 -8.04
N PHE A 1135 15.58 8.40 -8.68
CA PHE A 1135 15.54 8.29 -10.13
C PHE A 1135 14.29 8.97 -10.69
N PRO A 1136 14.38 9.54 -11.91
CA PRO A 1136 13.26 10.31 -12.46
C PRO A 1136 11.97 9.52 -12.68
N LYS A 1137 10.86 10.18 -12.37
CA LYS A 1137 9.48 9.73 -12.49
C LYS A 1137 8.91 10.26 -13.80
N PRO A 1138 8.15 9.45 -14.55
CA PRO A 1138 7.68 9.91 -15.87
C PRO A 1138 6.70 11.06 -15.84
N CYS A 1139 5.60 10.95 -15.11
CA CYS A 1139 4.56 11.95 -15.15
C CYS A 1139 3.74 11.82 -13.86
N ASN A 1140 3.09 12.91 -13.48
CA ASN A 1140 2.22 12.93 -12.31
C ASN A 1140 0.84 12.55 -12.82
N TRP A 1141 0.51 11.27 -12.70
CA TRP A 1141 -0.76 10.72 -13.18
C TRP A 1141 -1.97 11.23 -12.39
N ARG A 1142 -1.79 11.56 -11.12
CA ARG A 1142 -2.93 11.97 -10.29
C ARG A 1142 -3.39 13.38 -10.63
N LYS A 1143 -2.44 14.29 -10.91
CA LYS A 1143 -2.81 15.60 -11.42
C LYS A 1143 -3.34 15.52 -12.84
N ASN A 1144 -2.95 14.50 -13.61
CA ASN A 1144 -3.55 14.27 -14.92
C ASN A 1144 -5.01 13.85 -14.80
N GLU A 1145 -5.33 13.04 -13.78
CA GLU A 1145 -6.72 12.70 -13.48
C GLU A 1145 -7.53 13.93 -13.08
N PHE A 1146 -6.92 14.84 -12.31
CA PHE A 1146 -7.67 16.04 -11.92
C PHE A 1146 -7.84 17.00 -13.11
N LYS A 1147 -6.82 17.11 -13.96
CA LYS A 1147 -6.91 17.92 -15.18
C LYS A 1147 -7.99 17.41 -16.13
N LYS A 1148 -8.11 16.08 -16.26
CA LYS A 1148 -9.23 15.59 -17.06
C LYS A 1148 -10.56 15.61 -16.30
N TRP A 1149 -10.56 15.82 -14.97
CA TRP A 1149 -11.82 16.11 -14.29
C TRP A 1149 -12.32 17.52 -14.66
N THR A 1150 -11.41 18.50 -14.68
CA THR A 1150 -11.82 19.88 -14.97
C THR A 1150 -12.26 20.11 -16.41
N LYS A 1151 -12.00 19.17 -17.31
CA LYS A 1151 -12.38 19.29 -18.71
C LYS A 1151 -13.77 18.72 -19.01
N LEU A 1152 -14.43 18.11 -18.03
CA LEU A 1152 -15.78 17.59 -18.25
C LEU A 1152 -16.81 18.73 -18.28
N ALA A 1153 -17.90 18.49 -19.00
CA ALA A 1153 -18.89 19.54 -19.22
C ALA A 1153 -19.86 19.69 -18.05
N SER A 1154 -20.42 18.58 -17.56
CA SER A 1154 -21.42 18.62 -16.50
C SER A 1154 -20.90 18.17 -15.15
N GLN A 1155 -20.21 17.02 -15.11
CA GLN A 1155 -19.68 16.50 -13.85
C GLN A 1155 -18.43 17.24 -13.38
N GLY A 1156 -17.80 18.04 -14.24
CA GLY A 1156 -16.65 18.84 -13.89
C GLY A 1156 -16.94 20.31 -13.67
N ARG A 1157 -18.21 20.68 -13.54
CA ARG A 1157 -18.63 22.07 -13.40
C ARG A 1157 -18.19 22.69 -12.08
N GLY A 1158 -17.34 23.71 -12.15
CA GLY A 1158 -16.90 24.41 -10.96
C GLY A 1158 -15.88 23.70 -10.11
N ILE A 1159 -15.29 22.60 -10.61
CA ILE A 1159 -14.39 21.77 -9.82
C ILE A 1159 -13.06 22.47 -9.56
N VAL A 1160 -12.69 23.43 -10.41
CA VAL A 1160 -11.43 24.18 -10.37
C VAL A 1160 -11.26 25.00 -9.08
N ASN A 1161 -12.37 25.27 -8.38
CA ASN A 1161 -12.34 25.92 -7.07
C ASN A 1161 -11.61 25.10 -6.01
N PHE A 1162 -11.66 23.77 -6.12
CA PHE A 1162 -11.24 22.85 -5.07
C PHE A 1162 -9.85 22.26 -5.31
N GLU A 1163 -9.01 22.93 -6.10
CA GLU A 1163 -7.82 22.29 -6.67
C GLU A 1163 -6.74 22.01 -5.62
N ARG A 1164 -6.47 22.96 -4.73
CA ARG A 1164 -5.41 22.72 -3.74
C ARG A 1164 -5.87 23.23 -2.37
N ASP A 1165 -7.17 23.22 -2.12
CA ASP A 1165 -7.71 23.85 -0.92
C ASP A 1165 -7.78 22.76 0.16
N LYS A 1166 -6.83 22.82 1.11
CA LYS A 1166 -6.80 21.90 2.24
C LYS A 1166 -7.88 22.19 3.27
N ILE A 1167 -8.51 23.36 3.22
CA ILE A 1167 -9.57 23.72 4.15
C ILE A 1167 -10.92 23.19 3.66
N SER A 1168 -11.23 23.39 2.38
CA SER A 1168 -12.51 22.98 1.83
C SER A 1168 -12.66 21.47 1.69
N ASN A 1169 -11.56 20.74 1.62
CA ASN A 1169 -11.59 19.29 1.51
C ASN A 1169 -11.21 18.60 2.82
N HIS A 1170 -11.38 19.30 3.94
CA HIS A 1170 -11.02 18.76 5.25
C HIS A 1170 -11.95 17.63 5.66
N TRP A 1171 -13.22 17.71 5.25
CA TRP A 1171 -14.24 16.75 5.66
C TRP A 1171 -14.06 15.36 5.05
N ILE A 1172 -13.31 15.24 3.95
CA ILE A 1172 -13.11 13.94 3.32
C ILE A 1172 -12.18 13.08 4.16
N GLN A 1173 -11.27 13.71 4.89
CA GLN A 1173 -10.38 12.98 5.78
C GLN A 1173 -11.01 12.71 7.14
N TYR A 1174 -11.44 13.77 7.82
CA TYR A 1174 -11.91 13.69 9.20
C TYR A 1174 -13.44 13.69 9.29
N TYR A 1175 -14.07 12.63 8.80
CA TYR A 1175 -15.53 12.54 8.67
C TYR A 1175 -16.22 11.88 9.86
N ARG A 1176 -15.57 11.83 11.03
CA ARG A 1176 -15.96 10.94 12.12
C ARG A 1176 -17.33 11.25 12.72
N ARG A 1177 -17.64 12.53 12.95
CA ARG A 1177 -18.87 12.90 13.63
C ARG A 1177 -19.99 13.29 12.68
N ILE A 1178 -19.92 12.85 11.43
CA ILE A 1178 -20.91 13.17 10.40
C ILE A 1178 -21.65 11.89 10.04
N PRO A 1179 -22.98 11.91 9.92
CA PRO A 1179 -23.71 10.74 9.42
C PRO A 1179 -23.38 10.44 7.96
N HIS A 1180 -23.45 9.16 7.60
CA HIS A 1180 -22.96 8.73 6.29
C HIS A 1180 -23.93 9.01 5.16
N ARG A 1181 -25.23 9.18 5.45
CA ARG A 1181 -26.19 9.70 4.47
C ARG A 1181 -25.77 11.06 3.95
N LYS A 1182 -25.37 11.94 4.86
CA LYS A 1182 -24.93 13.29 4.51
C LYS A 1182 -23.60 13.26 3.77
N LEU A 1183 -22.71 12.33 4.14
CA LEU A 1183 -21.43 12.18 3.45
C LEU A 1183 -21.60 11.69 2.01
N LEU A 1184 -22.46 10.70 1.79
CA LEU A 1184 -22.68 10.21 0.43
C LEU A 1184 -23.43 11.21 -0.43
N THR A 1185 -24.34 12.01 0.16
CA THR A 1185 -24.96 13.06 -0.63
C THR A 1185 -23.99 14.20 -0.91
N ALA A 1186 -23.04 14.46 0.00
CA ALA A 1186 -21.99 15.44 -0.29
C ALA A 1186 -21.07 14.97 -1.41
N LEU A 1187 -20.78 13.66 -1.47
CA LEU A 1187 -20.00 13.10 -2.57
C LEU A 1187 -20.77 13.17 -3.89
N GLN A 1188 -22.08 12.90 -3.85
CA GLN A 1188 -22.90 13.02 -5.06
C GLN A 1188 -23.04 14.47 -5.52
N LEU A 1189 -23.14 15.43 -4.58
CA LEU A 1189 -23.21 16.84 -4.97
C LEU A 1189 -21.89 17.36 -5.48
N ARG A 1190 -20.77 16.81 -5.01
CA ARG A 1190 -19.47 17.28 -5.51
C ARG A 1190 -19.20 16.78 -6.92
N ALA A 1191 -19.61 15.55 -7.23
CA ALA A 1191 -19.47 15.00 -8.57
C ALA A 1191 -20.57 15.42 -9.53
N ASN A 1192 -21.62 16.09 -9.02
CA ASN A 1192 -22.84 16.47 -9.74
C ASN A 1192 -23.50 15.24 -10.39
N VAL A 1193 -23.75 14.23 -9.57
CA VAL A 1193 -24.41 12.99 -9.97
C VAL A 1193 -25.60 12.68 -9.08
N TYR A 1194 -26.12 13.69 -8.37
CA TYR A 1194 -27.32 13.49 -7.56
C TYR A 1194 -28.52 13.27 -8.47
N PRO A 1195 -29.42 12.30 -8.16
CA PRO A 1195 -30.52 11.97 -9.08
C PRO A 1195 -31.73 12.90 -9.00
N THR A 1196 -31.56 14.11 -9.50
CA THR A 1196 -32.66 14.95 -9.94
C THR A 1196 -33.12 14.49 -11.33
N ARG A 1197 -34.22 15.06 -11.81
CA ARG A 1197 -34.77 14.64 -13.10
C ARG A 1197 -33.91 15.13 -14.27
N GLU A 1198 -33.14 16.20 -14.07
CA GLU A 1198 -32.17 16.65 -15.06
C GLU A 1198 -31.05 15.62 -15.21
N PHE A 1199 -30.63 15.01 -14.10
CA PHE A 1199 -29.63 13.93 -14.18
C PHE A 1199 -30.25 12.65 -14.73
N LEU A 1200 -31.54 12.42 -14.46
CA LEU A 1200 -32.20 11.26 -15.04
C LEU A 1200 -32.50 11.43 -16.52
N ALA A 1201 -32.44 12.66 -17.05
CA ALA A 1201 -32.49 12.83 -18.51
C ALA A 1201 -31.08 12.74 -19.09
N ARG A 1202 -30.23 13.71 -18.74
CA ARG A 1202 -28.92 13.96 -19.35
C ARG A 1202 -28.98 13.97 -20.87
N GLY A 1203 -28.39 12.95 -21.52
CA GLY A 1203 -28.42 12.86 -22.97
C GLY A 1203 -29.65 12.19 -23.54
N ARG A 1204 -30.52 11.64 -22.69
CA ARG A 1204 -31.59 10.74 -23.11
C ARG A 1204 -32.82 11.68 -23.28
N GLN A 1205 -32.69 12.69 -24.12
CA GLN A 1205 -33.59 13.83 -24.02
C GLN A 1205 -34.95 13.62 -24.68
N ASP A 1206 -35.10 12.57 -25.50
CA ASP A 1206 -36.34 12.39 -26.23
C ASP A 1206 -37.49 11.93 -25.34
N GLN A 1207 -37.20 11.19 -24.26
CA GLN A 1207 -38.24 10.46 -23.55
C GLN A 1207 -38.61 11.03 -22.18
N TYR A 1208 -37.85 11.98 -21.63
CA TYR A 1208 -38.02 12.38 -20.25
C TYR A 1208 -38.16 13.88 -20.08
N ILE A 1209 -38.75 14.27 -18.95
CA ILE A 1209 -39.09 15.65 -18.64
C ILE A 1209 -38.06 16.19 -17.66
N LYS A 1210 -37.47 17.34 -18.00
CA LYS A 1210 -36.44 17.98 -17.18
C LYS A 1210 -37.01 19.00 -16.20
N ALA A 1211 -38.33 19.21 -16.17
CA ALA A 1211 -38.92 20.29 -15.39
C ALA A 1211 -38.92 19.98 -13.90
N CYS A 1212 -38.96 21.05 -13.10
CA CYS A 1212 -38.97 20.92 -11.64
C CYS A 1212 -40.30 20.36 -11.16
N ARG A 1213 -40.22 19.52 -10.12
CA ARG A 1213 -41.40 18.87 -9.54
C ARG A 1213 -42.30 19.83 -8.76
N HIS A 1214 -41.78 20.98 -8.33
CA HIS A 1214 -42.50 21.84 -7.41
C HIS A 1214 -42.79 23.24 -7.95
N CYS A 1215 -42.26 23.60 -9.12
CA CYS A 1215 -42.53 24.89 -9.73
C CYS A 1215 -42.32 24.77 -11.23
N ASP A 1216 -42.64 25.84 -11.94
CA ASP A 1216 -42.64 25.84 -13.41
C ASP A 1216 -41.28 26.13 -14.02
N ALA A 1217 -40.20 26.08 -13.23
CA ALA A 1217 -38.86 26.31 -13.76
C ALA A 1217 -38.43 25.18 -14.69
N ASP A 1218 -37.74 25.56 -15.78
CA ASP A 1218 -37.49 24.63 -16.88
C ASP A 1218 -36.49 23.54 -16.51
N ILE A 1219 -35.47 23.86 -15.73
CA ILE A 1219 -34.37 22.92 -15.45
C ILE A 1219 -34.32 22.64 -13.96
N GLU A 1220 -34.52 21.37 -13.58
CA GLU A 1220 -34.35 20.93 -12.19
C GLU A 1220 -32.89 20.50 -11.94
N SER A 1221 -32.00 21.50 -11.95
CA SER A 1221 -30.64 21.24 -11.57
C SER A 1221 -30.50 21.21 -10.05
N CYS A 1222 -29.30 20.83 -9.58
CA CYS A 1222 -29.00 20.94 -8.16
C CYS A 1222 -28.82 22.39 -7.73
N ALA A 1223 -28.37 23.25 -8.65
CA ALA A 1223 -28.27 24.68 -8.35
C ALA A 1223 -29.63 25.32 -8.16
N HIS A 1224 -30.64 24.84 -8.89
CA HIS A 1224 -32.02 25.25 -8.67
C HIS A 1224 -32.52 24.88 -7.28
N ILE A 1225 -32.26 23.64 -6.86
CA ILE A 1225 -32.74 23.15 -5.57
C ILE A 1225 -32.04 23.87 -4.43
N ILE A 1226 -30.71 24.01 -4.53
CA ILE A 1226 -29.95 24.64 -3.46
C ILE A 1226 -30.19 26.15 -3.41
N GLY A 1227 -30.26 26.81 -4.57
CA GLY A 1227 -30.18 28.26 -4.57
C GLY A 1227 -31.41 29.11 -4.84
N ASN A 1228 -32.38 28.61 -5.60
CA ASN A 1228 -33.39 29.52 -6.14
C ASN A 1228 -34.84 29.08 -5.91
N CYS A 1229 -35.11 27.78 -5.74
CA CYS A 1229 -36.47 27.23 -5.77
C CYS A 1229 -37.28 27.73 -4.56
N PRO A 1230 -38.56 28.10 -4.75
CA PRO A 1230 -39.33 28.71 -3.65
C PRO A 1230 -39.74 27.73 -2.56
N VAL A 1231 -39.59 26.42 -2.76
CA VAL A 1231 -39.94 25.48 -1.70
C VAL A 1231 -38.89 25.41 -0.60
N THR A 1232 -37.63 25.79 -0.88
CA THR A 1232 -36.54 25.68 0.07
C THR A 1232 -36.12 27.03 0.66
N GLN A 1233 -37.00 28.03 0.59
CA GLN A 1233 -36.67 29.40 0.98
C GLN A 1233 -36.44 29.52 2.49
N ASP A 1234 -37.25 28.82 3.29
CA ASP A 1234 -37.10 28.85 4.75
C ASP A 1234 -35.80 28.19 5.19
N ALA A 1235 -35.39 27.12 4.50
CA ALA A 1235 -34.11 26.47 4.79
C ALA A 1235 -32.92 27.35 4.42
N ARG A 1236 -33.02 28.09 3.31
CA ARG A 1236 -31.97 29.05 2.96
C ARG A 1236 -31.88 30.20 3.97
N ILE A 1237 -33.03 30.68 4.45
CA ILE A 1237 -33.04 31.75 5.46
C ILE A 1237 -32.42 31.27 6.77
N LYS A 1238 -32.75 30.04 7.19
CA LYS A 1238 -32.17 29.48 8.42
C LYS A 1238 -30.67 29.20 8.28
N ARG A 1239 -30.24 28.78 7.08
CA ARG A 1239 -28.81 28.63 6.79
C ARG A 1239 -28.04 29.93 6.92
N HIS A 1240 -28.56 31.00 6.30
CA HIS A 1240 -27.92 32.32 6.36
C HIS A 1240 -27.89 32.87 7.78
N ASN A 1241 -28.98 32.70 8.53
CA ASN A 1241 -29.04 33.17 9.92
C ASN A 1241 -28.07 32.41 10.82
N TYR A 1242 -27.93 31.09 10.63
CA TYR A 1242 -27.01 30.31 11.45
C TYR A 1242 -25.55 30.65 11.15
N ILE A 1243 -25.23 30.95 9.89
CA ILE A 1243 -23.87 31.38 9.54
C ILE A 1243 -23.56 32.75 10.12
N CYS A 1244 -24.55 33.67 10.12
CA CYS A 1244 -24.36 34.97 10.75
C CYS A 1244 -24.21 34.87 12.27
N GLU A 1245 -24.92 33.93 12.91
CA GLU A 1245 -24.74 33.70 14.34
C GLU A 1245 -23.35 33.13 14.65
N LEU A 1246 -22.83 32.26 13.78
CA LEU A 1246 -21.50 31.70 13.97
C LEU A 1246 -20.42 32.76 13.83
N LEU A 1247 -20.61 33.71 12.92
CA LEU A 1247 -19.65 34.82 12.83
C LEU A 1247 -19.82 35.80 14.00
N LEU A 1248 -21.06 35.97 14.46
CA LEU A 1248 -21.36 36.91 15.55
C LEU A 1248 -20.76 36.46 16.87
N GLU A 1249 -20.75 35.15 17.16
CA GLU A 1249 -20.15 34.65 18.39
C GLU A 1249 -18.63 34.85 18.41
N GLU A 1250 -17.97 34.69 17.26
CA GLU A 1250 -16.54 35.00 17.18
C GLU A 1250 -16.28 36.49 17.31
N ALA A 1251 -17.22 37.33 16.87
CA ALA A 1251 -17.09 38.76 17.13
C ALA A 1251 -17.26 39.09 18.61
N LYS A 1252 -18.19 38.39 19.29
CA LYS A 1252 -18.40 38.60 20.72
C LYS A 1252 -17.20 38.16 21.54
N LYS A 1253 -16.52 37.10 21.10
CA LYS A 1253 -15.41 36.52 21.85
C LYS A 1253 -14.21 37.45 21.92
N LYS A 1254 -14.00 38.30 20.91
CA LYS A 1254 -12.95 39.30 20.93
C LYS A 1254 -13.43 40.67 21.36
N ASP A 1255 -14.58 40.73 22.06
CA ASP A 1255 -15.13 41.93 22.72
C ASP A 1255 -15.43 43.06 21.75
N TRP A 1256 -15.92 42.70 20.56
CA TRP A 1256 -16.52 43.68 19.66
C TRP A 1256 -18.00 43.88 20.00
N VAL A 1257 -18.43 45.14 19.99
CA VAL A 1257 -19.84 45.45 20.15
C VAL A 1257 -20.55 45.28 18.82
N VAL A 1258 -21.62 44.49 18.82
CA VAL A 1258 -22.28 44.07 17.58
C VAL A 1258 -23.60 44.80 17.46
N PHE A 1259 -23.78 45.53 16.36
CA PHE A 1259 -25.08 45.99 15.92
C PHE A 1259 -25.59 44.94 14.93
N LYS A 1260 -26.31 43.95 15.43
CA LYS A 1260 -26.90 42.98 14.52
C LYS A 1260 -28.15 43.58 13.89
N GLU A 1261 -28.28 43.35 12.57
CA GLU A 1261 -29.36 43.66 11.62
C GLU A 1261 -29.93 45.07 11.82
N PRO A 1262 -29.22 46.13 11.42
CA PRO A 1262 -29.77 47.48 11.59
C PRO A 1262 -30.79 47.80 10.52
N HIS A 1263 -31.57 48.85 10.80
CA HIS A 1263 -32.49 49.43 9.82
C HIS A 1263 -31.96 50.80 9.45
N ILE A 1264 -31.41 50.93 8.25
CA ILE A 1264 -30.78 52.16 7.79
C ILE A 1264 -31.59 52.71 6.62
N ARG A 1265 -32.06 53.95 6.77
CA ARG A 1265 -32.80 54.64 5.72
C ARG A 1265 -31.88 55.70 5.13
N ASP A 1266 -31.65 55.64 3.81
CA ASP A 1266 -30.77 56.60 3.16
C ASP A 1266 -31.47 57.92 2.87
N SER A 1267 -30.78 58.79 2.13
CA SER A 1267 -31.27 60.12 1.80
C SER A 1267 -32.47 60.11 0.84
N ASN A 1268 -32.70 59.01 0.12
CA ASN A 1268 -33.84 58.84 -0.76
C ASN A 1268 -34.94 58.04 -0.06
N LYS A 1269 -34.76 57.77 1.24
CA LYS A 1269 -35.66 57.03 2.14
C LYS A 1269 -35.89 55.59 1.69
N GLU A 1270 -34.93 54.98 1.01
CA GLU A 1270 -34.96 53.56 0.74
C GLU A 1270 -34.38 52.80 1.94
N LEU A 1271 -34.86 51.58 2.14
CA LEU A 1271 -34.51 50.77 3.30
C LEU A 1271 -33.45 49.74 2.95
N TYR A 1272 -32.42 49.63 3.80
CA TYR A 1272 -31.34 48.66 3.64
C TYR A 1272 -31.11 47.92 4.95
N LYS A 1273 -30.66 46.67 4.82
CA LYS A 1273 -30.50 45.76 5.96
C LYS A 1273 -29.21 44.96 5.85
N PRO A 1274 -28.08 45.54 6.26
CA PRO A 1274 -26.86 44.72 6.43
C PRO A 1274 -27.01 43.77 7.60
N ASP A 1275 -26.32 42.64 7.53
CA ASP A 1275 -26.47 41.65 8.59
C ASP A 1275 -25.72 42.05 9.87
N LEU A 1276 -24.48 42.51 9.76
CA LEU A 1276 -23.62 42.66 10.93
C LEU A 1276 -22.75 43.91 10.82
N ILE A 1277 -22.68 44.69 11.90
CA ILE A 1277 -21.71 45.78 12.04
C ILE A 1277 -20.92 45.55 13.31
N PHE A 1278 -19.59 45.55 13.20
CA PHE A 1278 -18.71 45.23 14.32
C PHE A 1278 -17.93 46.48 14.72
N VAL A 1279 -18.08 46.91 15.97
CA VAL A 1279 -17.54 48.18 16.45
C VAL A 1279 -16.55 47.94 17.57
N LYS A 1280 -15.31 48.42 17.39
CA LYS A 1280 -14.30 48.44 18.44
C LYS A 1280 -13.25 49.49 18.10
N ASP A 1281 -13.01 50.40 19.06
CA ASP A 1281 -11.96 51.43 19.02
C ASP A 1281 -12.06 52.31 17.78
N ALA A 1282 -13.27 52.87 17.58
CA ALA A 1282 -13.70 53.75 16.49
C ALA A 1282 -13.65 53.11 15.10
N ARG A 1283 -13.44 51.80 15.03
CA ARG A 1283 -13.59 51.06 13.77
C ARG A 1283 -15.01 50.53 13.65
N ALA A 1284 -15.50 50.43 12.41
CA ALA A 1284 -16.78 49.82 12.09
C ALA A 1284 -16.63 48.95 10.86
N LEU A 1285 -17.06 47.69 10.96
CA LEU A 1285 -16.93 46.71 9.88
C LEU A 1285 -18.32 46.23 9.47
N VAL A 1286 -18.74 46.61 8.26
CA VAL A 1286 -20.05 46.24 7.75
C VAL A 1286 -19.92 44.97 6.91
N VAL A 1287 -20.40 43.85 7.43
CA VAL A 1287 -20.22 42.52 6.84
C VAL A 1287 -21.56 42.02 6.33
N ASP A 1288 -21.59 41.56 5.08
CA ASP A 1288 -22.79 41.02 4.47
C ASP A 1288 -22.50 39.63 3.92
N VAL A 1289 -23.27 38.63 4.37
CA VAL A 1289 -23.00 37.22 4.10
C VAL A 1289 -23.88 36.73 2.96
N THR A 1290 -23.31 35.89 2.08
CA THR A 1290 -24.07 35.22 1.04
C THR A 1290 -23.47 33.84 0.77
N VAL A 1291 -24.34 32.88 0.44
CA VAL A 1291 -23.94 31.52 0.11
C VAL A 1291 -24.30 31.27 -1.35
N ARG A 1292 -23.30 31.28 -2.22
CA ARG A 1292 -23.50 31.09 -3.66
C ARG A 1292 -23.03 29.70 -4.08
N TYR A 1293 -23.87 29.01 -4.86
CA TYR A 1293 -23.45 27.81 -5.56
C TYR A 1293 -22.40 28.18 -6.60
N GLU A 1294 -21.24 27.52 -6.53
CA GLU A 1294 -20.07 27.91 -7.32
C GLU A 1294 -20.09 27.16 -8.64
N ALA A 1295 -19.87 27.88 -9.73
CA ALA A 1295 -19.87 27.30 -11.06
C ALA A 1295 -18.75 27.83 -11.94
N ALA A 1296 -17.91 28.74 -11.44
CA ALA A 1296 -16.76 29.25 -12.15
C ALA A 1296 -15.67 29.55 -11.13
N LYS A 1297 -14.47 29.86 -11.65
CA LYS A 1297 -13.34 30.19 -10.79
C LYS A 1297 -13.53 31.53 -10.07
N SER A 1298 -14.38 32.42 -10.60
CA SER A 1298 -14.52 33.77 -10.10
C SER A 1298 -15.88 34.06 -9.46
N SER A 1299 -16.66 33.02 -9.10
CA SER A 1299 -18.05 33.21 -8.66
C SER A 1299 -18.14 33.91 -7.30
N LEU A 1300 -17.39 33.45 -6.31
CA LEU A 1300 -17.50 34.02 -4.97
C LEU A 1300 -16.86 35.39 -4.88
N GLU A 1301 -15.86 35.66 -5.73
CA GLU A 1301 -15.27 36.99 -5.81
C GLU A 1301 -16.27 38.01 -6.34
N GLU A 1302 -17.06 37.62 -7.35
CA GLU A 1302 -18.15 38.47 -7.82
C GLU A 1302 -19.25 38.61 -6.79
N ALA A 1303 -19.50 37.55 -6.01
CA ALA A 1303 -20.49 37.61 -4.94
C ALA A 1303 -20.07 38.61 -3.85
N ALA A 1304 -18.80 38.58 -3.47
CA ALA A 1304 -18.27 39.56 -2.52
C ALA A 1304 -18.30 40.97 -3.08
N ALA A 1305 -18.01 41.13 -4.38
CA ALA A 1305 -18.06 42.44 -5.02
C ALA A 1305 -19.48 43.01 -5.06
N GLU A 1306 -20.48 42.19 -5.39
CA GLU A 1306 -21.85 42.69 -5.44
C GLU A 1306 -22.43 42.90 -4.04
N LYS A 1307 -21.97 42.15 -3.04
CA LYS A 1307 -22.40 42.46 -1.69
C LYS A 1307 -21.67 43.67 -1.11
N VAL A 1308 -20.51 44.03 -1.67
CA VAL A 1308 -19.91 45.34 -1.36
C VAL A 1308 -20.70 46.45 -2.04
N ARG A 1309 -21.10 46.24 -3.29
CA ARG A 1309 -21.72 47.28 -4.11
C ARG A 1309 -23.11 47.67 -3.63
N LYS A 1310 -23.75 46.81 -2.83
CA LYS A 1310 -25.12 47.07 -2.37
C LYS A 1310 -25.19 48.20 -1.33
N TYR A 1311 -24.13 48.41 -0.54
CA TYR A 1311 -24.20 49.32 0.60
C TYR A 1311 -23.14 50.41 0.66
N LYS A 1312 -22.31 50.58 -0.38
CA LYS A 1312 -21.12 51.45 -0.31
C LYS A 1312 -21.47 52.93 -0.09
N HIS A 1313 -22.67 53.36 -0.49
CA HIS A 1313 -23.07 54.75 -0.32
C HIS A 1313 -23.41 55.09 1.14
N LEU A 1314 -23.65 54.08 1.98
CA LEU A 1314 -24.10 54.22 3.36
C LEU A 1314 -23.03 54.57 4.41
N GLU A 1315 -21.91 55.19 3.99
CA GLU A 1315 -20.79 55.52 4.89
C GLU A 1315 -21.21 56.37 6.10
N THR A 1316 -21.74 57.56 5.84
CA THR A 1316 -22.01 58.54 6.91
C THR A 1316 -23.15 58.10 7.81
N GLU A 1317 -24.13 57.34 7.28
CA GLU A 1317 -25.21 56.82 8.10
C GLU A 1317 -24.71 55.81 9.12
N VAL A 1318 -23.76 54.95 8.71
CA VAL A 1318 -23.11 54.02 9.63
C VAL A 1318 -22.26 54.80 10.65
N ARG A 1319 -21.66 55.92 10.22
CA ARG A 1319 -20.91 56.78 11.16
C ARG A 1319 -21.78 57.36 12.27
N HIS A 1320 -22.96 57.93 11.95
CA HIS A 1320 -23.73 58.44 13.10
C HIS A 1320 -24.53 57.33 13.78
N LEU A 1321 -24.67 56.16 13.14
CA LEU A 1321 -25.28 55.01 13.82
C LEU A 1321 -24.39 54.48 14.94
N THR A 1322 -23.09 54.32 14.66
CA THR A 1322 -22.22 53.61 15.59
C THR A 1322 -21.22 54.51 16.32
N ASN A 1323 -21.23 55.82 16.04
CA ASN A 1323 -20.30 56.84 16.57
C ASN A 1323 -18.83 56.52 16.22
N ALA A 1324 -18.62 55.84 15.09
CA ALA A 1324 -17.30 55.42 14.66
C ALA A 1324 -16.63 56.47 13.77
N LYS A 1325 -15.32 56.31 13.60
CA LYS A 1325 -14.51 57.18 12.76
C LYS A 1325 -14.18 56.54 11.42
N ASP A 1326 -13.66 55.30 11.43
CA ASP A 1326 -13.22 54.60 10.23
C ASP A 1326 -14.23 53.50 9.92
N VAL A 1327 -14.73 53.47 8.68
CA VAL A 1327 -15.70 52.46 8.24
C VAL A 1327 -15.17 51.80 6.98
N THR A 1328 -15.18 50.45 6.95
CA THR A 1328 -14.88 49.66 5.76
C THR A 1328 -16.02 48.68 5.51
N PHE A 1329 -16.29 48.37 4.25
CA PHE A 1329 -17.37 47.44 3.90
C PHE A 1329 -16.78 46.17 3.28
N VAL A 1330 -17.20 45.02 3.80
CA VAL A 1330 -16.65 43.71 3.45
C VAL A 1330 -17.80 42.77 3.09
N GLY A 1331 -17.68 42.10 1.95
CA GLY A 1331 -18.54 40.96 1.63
C GLY A 1331 -17.88 39.66 2.07
N PHE A 1332 -18.70 38.73 2.55
CA PHE A 1332 -18.24 37.47 3.14
C PHE A 1332 -18.93 36.30 2.44
N PRO A 1333 -18.42 35.88 1.28
CA PRO A 1333 -19.08 34.79 0.54
C PRO A 1333 -18.64 33.40 1.01
N LEU A 1334 -19.53 32.43 0.79
CA LEU A 1334 -19.23 31.03 1.01
C LEU A 1334 -19.80 30.20 -0.13
N GLY A 1335 -19.12 29.11 -0.46
CA GLY A 1335 -19.60 28.20 -1.49
C GLY A 1335 -20.61 27.21 -0.92
N ALA A 1336 -21.63 26.92 -1.72
CA ALA A 1336 -22.68 25.99 -1.29
C ALA A 1336 -22.20 24.54 -1.21
N ARG A 1337 -21.11 24.20 -1.91
CA ARG A 1337 -20.49 22.88 -1.77
C ARG A 1337 -19.20 22.92 -0.96
N GLY A 1338 -19.05 23.92 -0.09
CA GLY A 1338 -17.97 23.94 0.87
C GLY A 1338 -16.76 24.78 0.53
N LYS A 1339 -16.82 25.62 -0.49
CA LYS A 1339 -15.68 26.44 -0.86
C LYS A 1339 -15.45 27.57 0.15
N TRP A 1340 -14.31 27.53 0.83
CA TRP A 1340 -13.85 28.64 1.65
C TRP A 1340 -13.18 29.68 0.76
N HIS A 1341 -13.70 30.90 0.76
CA HIS A 1341 -13.11 31.97 -0.02
C HIS A 1341 -11.87 32.50 0.70
N GLN A 1342 -10.80 32.72 -0.07
CA GLN A 1342 -9.48 32.97 0.51
C GLN A 1342 -9.38 34.34 1.18
N ASP A 1343 -10.13 35.33 0.71
CA ASP A 1343 -10.03 36.68 1.25
C ASP A 1343 -10.76 36.87 2.57
N ASN A 1344 -11.49 35.86 3.05
CA ASN A 1344 -12.20 35.98 4.33
C ASN A 1344 -11.26 35.93 5.52
N PHE A 1345 -10.02 35.43 5.33
CA PHE A 1345 -8.98 35.57 6.35
C PHE A 1345 -8.63 37.01 6.65
N LYS A 1346 -8.86 37.95 5.72
CA LYS A 1346 -8.66 39.37 6.03
C LYS A 1346 -9.65 39.87 7.08
N LEU A 1347 -10.91 39.46 6.99
CA LEU A 1347 -11.90 39.80 8.01
C LEU A 1347 -11.60 39.10 9.33
N LEU A 1348 -11.21 37.82 9.27
CA LEU A 1348 -10.89 37.09 10.49
C LEU A 1348 -9.62 37.60 11.17
N THR A 1349 -8.65 38.14 10.41
CA THR A 1349 -7.46 38.72 11.03
C THR A 1349 -7.67 40.18 11.41
N GLU A 1350 -8.70 40.84 10.85
CA GLU A 1350 -9.05 42.17 11.34
C GLU A 1350 -9.79 42.06 12.66
N LEU A 1351 -10.61 41.02 12.81
CA LEU A 1351 -11.22 40.71 14.11
C LEU A 1351 -10.19 40.28 15.15
N GLY A 1352 -9.03 39.79 14.73
CA GLY A 1352 -7.94 39.51 15.64
C GLY A 1352 -7.83 38.09 16.14
N LEU A 1353 -8.35 37.13 15.39
CA LEU A 1353 -8.19 35.73 15.75
C LEU A 1353 -6.76 35.27 15.52
N SER A 1354 -6.32 34.31 16.33
CA SER A 1354 -4.99 33.74 16.19
C SER A 1354 -4.89 32.87 14.94
N LYS A 1355 -3.64 32.55 14.56
CA LYS A 1355 -3.35 31.92 13.27
C LYS A 1355 -3.93 30.51 13.15
N SER A 1356 -3.96 29.76 14.25
CA SER A 1356 -4.59 28.43 14.23
C SER A 1356 -6.11 28.53 14.26
N ARG A 1357 -6.64 29.48 15.03
CA ARG A 1357 -8.08 29.60 15.24
C ARG A 1357 -8.78 30.05 13.97
N GLN A 1358 -8.08 30.83 13.12
CA GLN A 1358 -8.58 31.20 11.80
C GLN A 1358 -8.78 29.97 10.91
N VAL A 1359 -7.80 29.06 10.91
CA VAL A 1359 -7.87 27.83 10.11
C VAL A 1359 -8.99 26.93 10.60
N LYS A 1360 -9.13 26.81 11.92
CA LYS A 1360 -10.19 25.98 12.50
C LYS A 1360 -11.58 26.55 12.23
N MET A 1361 -11.75 27.88 12.32
CA MET A 1361 -13.02 28.52 11.98
C MET A 1361 -13.35 28.39 10.49
N ALA A 1362 -12.32 28.47 9.62
CA ALA A 1362 -12.52 28.31 8.19
C ALA A 1362 -13.04 26.91 7.86
N GLU A 1363 -12.46 25.89 8.50
CA GLU A 1363 -12.96 24.52 8.36
C GLU A 1363 -14.38 24.36 8.87
N THR A 1364 -14.71 25.07 9.97
CA THR A 1364 -16.07 25.02 10.52
C THR A 1364 -17.10 25.64 9.58
N PHE A 1365 -16.81 26.83 9.02
CA PHE A 1365 -17.72 27.50 8.09
C PHE A 1365 -17.95 26.67 6.82
N SER A 1366 -16.88 26.09 6.27
CA SER A 1366 -17.03 25.28 5.04
C SER A 1366 -17.86 24.01 5.29
N THR A 1367 -17.64 23.33 6.43
CA THR A 1367 -18.43 22.15 6.76
C THR A 1367 -19.90 22.49 7.02
N VAL A 1368 -20.17 23.62 7.69
CA VAL A 1368 -21.55 24.04 7.96
C VAL A 1368 -22.30 24.37 6.67
N ALA A 1369 -21.65 25.11 5.75
CA ALA A 1369 -22.27 25.46 4.47
C ALA A 1369 -22.59 24.24 3.61
N LEU A 1370 -21.64 23.29 3.54
CA LEU A 1370 -21.84 22.09 2.73
C LEU A 1370 -22.97 21.22 3.28
N PHE A 1371 -22.95 20.92 4.58
CA PHE A 1371 -23.97 19.99 5.04
C PHE A 1371 -25.33 20.64 5.28
N SER A 1372 -25.40 21.98 5.36
CA SER A 1372 -26.72 22.60 5.29
C SER A 1372 -27.28 22.57 3.87
N SER A 1373 -26.43 22.64 2.85
CA SER A 1373 -26.90 22.41 1.48
C SER A 1373 -27.38 20.96 1.29
N VAL A 1374 -26.73 20.01 1.95
CA VAL A 1374 -27.17 18.61 1.94
C VAL A 1374 -28.55 18.48 2.59
N ASP A 1375 -28.78 19.21 3.69
CA ASP A 1375 -30.09 19.22 4.34
C ASP A 1375 -31.19 19.82 3.44
N ILE A 1376 -30.83 20.85 2.66
CA ILE A 1376 -31.78 21.43 1.69
C ILE A 1376 -32.17 20.43 0.61
N VAL A 1377 -31.18 19.70 0.08
CA VAL A 1377 -31.44 18.70 -0.97
C VAL A 1377 -32.27 17.53 -0.44
N HIS A 1378 -32.00 17.10 0.81
CA HIS A 1378 -32.81 16.06 1.45
C HIS A 1378 -34.24 16.51 1.70
N MET A 1379 -34.43 17.79 2.06
CA MET A 1379 -35.76 18.34 2.26
C MET A 1379 -36.56 18.34 0.98
N PHE A 1380 -35.93 18.73 -0.15
CA PHE A 1380 -36.61 18.73 -1.44
C PHE A 1380 -36.99 17.32 -1.86
N ALA A 1381 -36.10 16.34 -1.63
CA ALA A 1381 -36.42 14.95 -1.95
C ALA A 1381 -37.55 14.40 -1.09
N SER A 1382 -37.60 14.80 0.19
CA SER A 1382 -38.64 14.32 1.10
C SER A 1382 -40.02 14.88 0.72
N ARG A 1383 -40.11 16.20 0.50
CA ARG A 1383 -41.40 16.79 0.11
C ARG A 1383 -41.79 16.40 -1.31
N ALA A 1384 -40.83 16.00 -2.15
CA ALA A 1384 -41.18 15.39 -3.42
C ALA A 1384 -41.83 14.02 -3.24
N ARG A 1385 -41.19 13.14 -2.45
CA ARG A 1385 -41.65 11.75 -2.37
C ARG A 1385 -42.95 11.61 -1.57
N LYS A 1386 -43.05 12.26 -0.41
CA LYS A 1386 -44.21 11.99 0.46
C LYS A 1386 -45.51 12.63 -0.04
N SER A 1387 -45.45 13.53 -1.02
CA SER A 1387 -46.62 14.16 -1.59
C SER A 1387 -47.28 13.32 -2.69
N MET A 1388 -46.71 12.16 -3.02
CA MET A 1388 -47.18 11.34 -4.14
C MET A 1388 -48.53 10.67 -3.85
N VAL A 1389 -48.84 10.40 -2.59
CA VAL A 1389 -50.08 9.71 -2.25
C VAL A 1389 -51.27 10.66 -2.24
N MET A 1390 -51.10 11.86 -1.68
CA MET A 1390 -52.19 12.83 -1.56
C MET A 1390 -52.53 13.48 -2.90
MG MG F . 16.45 -20.75 6.23
PA TTP G . 14.43 -18.07 7.35
O1A TTP G . 15.22 -18.84 6.32
O2A TTP G . 13.14 -17.60 6.73
O3A TTP G . 14.11 -18.87 8.71
PB TTP G . 14.93 -20.13 9.30
O1B TTP G . 15.91 -20.75 8.34
O2B TTP G . 15.64 -19.72 10.57
O3B TTP G . 13.72 -21.13 9.61
PG TTP G . 13.53 -22.46 8.74
O1G TTP G . 12.26 -23.15 9.14
O2G TTP G . 13.43 -22.07 7.29
O3G TTP G . 14.70 -23.40 8.95
O5' TTP G . 15.27 -16.82 7.91
C5' TTP G . 16.67 -16.74 7.72
C4' TTP G . 17.22 -15.85 8.83
O4' TTP G . 16.68 -14.55 8.70
C3' TTP G . 16.74 -16.36 10.17
O3' TTP G . 17.71 -17.22 10.77
C2' TTP G . 16.54 -15.11 11.00
C1' TTP G . 16.38 -13.99 9.99
N1 TTP G . 14.99 -13.52 10.04
C2 TTP G . 14.66 -12.48 10.94
O2 TTP G . 15.55 -11.98 11.65
N3 TTP G . 13.41 -12.02 11.03
C4 TTP G . 12.43 -12.52 10.28
O4 TTP G . 11.27 -12.08 10.38
C5 TTP G . 12.75 -13.62 9.33
C5M TTP G . 11.68 -14.22 8.46
C6 TTP G . 14.06 -14.07 9.26
ZN ZN H . -5.04 -29.59 -26.52
ZN ZN I . -38.34 24.49 -8.49
ZN ZN J . -25.17 -13.52 -28.91
ZN ZN K . -39.09 -12.79 -7.36
#